data_7UW0
#
_entry.id   7UW0
#
_cell.length_a   105.660
_cell.length_b   153.798
_cell.length_c   133.208
_cell.angle_alpha   90.000
_cell.angle_beta   107.030
_cell.angle_gamma   90.000
#
_symmetry.space_group_name_H-M   'I 1 2 1'
#
loop_
_entity.id
_entity.type
_entity.pdbx_description
1 polymer 'ATP-dependent Clp protease proteolytic subunit, mitochondrial'
2 non-polymer 3-({3-[(4-bromophenyl)methyl]-4-oxo-3,5,7,8-tetrahydropyrido[4,3-d]pyrimidin-6(4H)-yl}methyl)benzonitrile
3 water water
#
_entity_poly.entity_id   1
_entity_poly.type   'polypeptide(L)'
_entity_poly.pdbx_seq_one_letter_code
;SLIPIVVEQTGRGERAYDIYSRLLRERIVCVMGPIDDSVASLVIAQLLFLQSESNKKPIHMYINSPGGVVTAGLAIYDTM
QYILNPICTWCVGQAASMGSLLLAAGTPGMRHSLPNSRIMIHQPSGGARGQATDIAIQAEEIMKLKKQLYNIYAKHTKQS
LQVIESAMERDRYMSPMEAQEFGILDKVLVHPPQDGEDEPTLVQKEPVEAAPAAEPVPAST
;
_entity_poly.pdbx_strand_id   A,B,C,D,E,F,G
#
# COMPACT_ATOMS: atom_id res chain seq x y z
N LEU A 2 6.80 -8.53 -7.08
CA LEU A 2 5.90 -9.66 -6.83
C LEU A 2 6.69 -10.95 -6.62
N ILE A 3 6.42 -11.64 -5.53
CA ILE A 3 7.12 -12.86 -5.15
C ILE A 3 6.46 -14.02 -5.88
N PRO A 4 7.20 -14.82 -6.64
CA PRO A 4 6.58 -15.89 -7.43
C PRO A 4 6.09 -17.02 -6.54
N ILE A 5 5.30 -17.91 -7.15
CA ILE A 5 4.65 -19.02 -6.47
C ILE A 5 5.16 -20.33 -7.06
N VAL A 6 5.53 -21.27 -6.20
CA VAL A 6 5.95 -22.60 -6.61
C VAL A 6 4.91 -23.60 -6.11
N VAL A 7 4.81 -24.73 -6.81
CA VAL A 7 3.83 -25.76 -6.50
C VAL A 7 4.56 -27.07 -6.26
N GLU A 8 4.14 -27.79 -5.22
CA GLU A 8 4.71 -29.11 -4.91
C GLU A 8 4.43 -30.10 -6.02
N GLU A 14 -0.58 -31.86 -3.31
CA GLU A 14 0.24 -30.73 -3.71
C GLU A 14 -0.25 -29.44 -3.06
N ARG A 15 0.67 -28.47 -2.92
CA ARG A 15 0.34 -27.19 -2.32
C ARG A 15 1.12 -26.09 -3.03
N ALA A 16 0.57 -24.88 -2.98
CA ALA A 16 1.18 -23.70 -3.58
C ALA A 16 1.92 -22.91 -2.52
N TYR A 17 3.22 -22.73 -2.72
CA TYR A 17 4.07 -21.98 -1.81
C TYR A 17 4.58 -20.72 -2.51
N ASP A 18 4.88 -19.69 -1.72
CA ASP A 18 5.69 -18.59 -2.20
C ASP A 18 7.15 -18.96 -2.04
N ILE A 19 7.97 -18.57 -3.02
CA ILE A 19 9.32 -19.12 -3.13
C ILE A 19 10.14 -18.87 -1.88
N TYR A 20 9.88 -17.76 -1.17
CA TYR A 20 10.60 -17.52 0.07
C TYR A 20 10.13 -18.45 1.19
N SER A 21 8.84 -18.79 1.20
CA SER A 21 8.35 -19.76 2.16
C SER A 21 8.87 -21.15 1.86
N ARG A 22 9.05 -21.47 0.58
CA ARG A 22 9.65 -22.75 0.20
C ARG A 22 11.11 -22.83 0.64
N LEU A 23 11.81 -21.69 0.64
CA LEU A 23 13.19 -21.66 1.12
C LEU A 23 13.26 -22.07 2.59
N LEU A 24 12.26 -21.66 3.39
CA LEU A 24 12.27 -22.00 4.81
C LEU A 24 12.05 -23.50 5.03
N ARG A 25 11.32 -24.16 4.11
CA ARG A 25 11.13 -25.60 4.24
C ARG A 25 12.37 -26.39 3.87
N GLU A 26 13.30 -25.78 3.12
CA GLU A 26 14.61 -26.36 2.89
C GLU A 26 15.58 -26.04 4.01
N ARG A 27 15.09 -25.48 5.13
CA ARG A 27 15.91 -25.10 6.27
C ARG A 27 16.96 -24.06 5.89
N ILE A 28 16.54 -23.07 5.10
CA ILE A 28 17.40 -21.98 4.66
C ILE A 28 16.85 -20.68 5.23
N VAL A 29 17.66 -19.99 6.02
CA VAL A 29 17.29 -18.71 6.61
C VAL A 29 18.11 -17.63 5.94
N CYS A 30 17.44 -16.67 5.31
CA CYS A 30 18.11 -15.63 4.54
C CYS A 30 18.37 -14.41 5.40
N VAL A 31 19.61 -13.92 5.38
CA VAL A 31 19.98 -12.65 5.99
C VAL A 31 20.49 -11.74 4.87
N MET A 32 19.57 -11.13 4.14
CA MET A 32 19.90 -10.29 2.99
C MET A 32 19.61 -8.83 3.34
N GLY A 33 20.55 -7.95 2.99
CA GLY A 33 20.37 -6.54 3.18
C GLY A 33 20.82 -6.06 4.54
N PRO A 34 20.52 -4.81 4.86
CA PRO A 34 20.91 -4.26 6.17
C PRO A 34 20.17 -4.97 7.30
N ILE A 35 20.85 -5.14 8.42
CA ILE A 35 20.34 -5.86 9.57
C ILE A 35 19.85 -4.85 10.60
N ASP A 36 18.57 -4.94 10.96
CA ASP A 36 18.00 -4.11 12.01
C ASP A 36 17.15 -5.00 12.91
N ASP A 37 16.38 -4.37 13.81
CA ASP A 37 15.59 -5.14 14.76
C ASP A 37 14.52 -5.98 14.06
N SER A 38 13.95 -5.44 12.98
CA SER A 38 12.92 -6.19 12.25
C SER A 38 13.54 -7.39 11.55
N VAL A 39 14.73 -7.23 10.96
CA VAL A 39 15.43 -8.36 10.36
C VAL A 39 15.82 -9.37 11.44
N ALA A 40 16.23 -8.87 12.61
CA ALA A 40 16.60 -9.77 13.70
C ALA A 40 15.40 -10.58 14.19
N SER A 41 14.23 -9.94 14.29
CA SER A 41 13.02 -10.66 14.70
C SER A 41 12.72 -11.81 13.76
N LEU A 42 12.81 -11.57 12.45
CA LEU A 42 12.49 -12.61 11.47
C LEU A 42 13.50 -13.75 11.54
N VAL A 43 14.78 -13.42 11.58
CA VAL A 43 15.81 -14.46 11.61
C VAL A 43 15.68 -15.32 12.86
N ILE A 44 15.55 -14.68 14.02
CA ILE A 44 15.44 -15.42 15.27
C ILE A 44 14.18 -16.28 15.27
N ALA A 45 13.08 -15.75 14.74
CA ALA A 45 11.85 -16.53 14.67
C ALA A 45 12.01 -17.75 13.78
N GLN A 46 12.67 -17.58 12.64
CA GLN A 46 12.91 -18.71 11.74
C GLN A 46 13.92 -19.68 12.34
N LEU A 47 14.94 -19.16 13.04
CA LEU A 47 15.92 -20.03 13.67
C LEU A 47 15.27 -20.94 14.71
N LEU A 48 14.43 -20.36 15.57
CA LEU A 48 13.81 -21.15 16.63
C LEU A 48 12.78 -22.14 16.09
N PHE A 49 12.09 -21.78 15.00
CA PHE A 49 11.12 -22.70 14.41
C PHE A 49 11.80 -23.91 13.79
N LEU A 50 12.90 -23.67 13.04
CA LEU A 50 13.60 -24.78 12.41
C LEU A 50 14.16 -25.75 13.44
N GLN A 51 14.48 -25.27 14.63
CA GLN A 51 14.97 -26.16 15.68
C GLN A 51 13.83 -26.97 16.29
N SER A 52 12.62 -26.39 16.37
CA SER A 52 11.49 -27.11 16.93
C SER A 52 11.12 -28.32 16.07
N GLU A 53 11.31 -28.21 14.75
CA GLU A 53 11.11 -29.38 13.89
C GLU A 53 12.16 -30.45 14.15
N SER A 54 13.43 -30.03 14.27
CA SER A 54 14.51 -30.95 14.53
C SER A 54 15.70 -30.16 15.07
N ASN A 55 16.30 -30.64 16.15
CA ASN A 55 17.42 -29.95 16.79
C ASN A 55 18.78 -30.44 16.31
N LYS A 56 18.81 -31.41 15.39
CA LYS A 56 20.06 -31.92 14.83
C LYS A 56 20.18 -31.72 13.33
N LYS A 57 19.09 -31.51 12.62
CA LYS A 57 19.17 -31.25 11.18
C LYS A 57 19.85 -29.91 10.94
N PRO A 58 20.80 -29.83 10.00
CA PRO A 58 21.51 -28.56 9.77
C PRO A 58 20.56 -27.45 9.34
N ILE A 59 20.97 -26.22 9.62
CA ILE A 59 20.26 -25.02 9.21
C ILE A 59 21.20 -24.18 8.36
N HIS A 60 20.70 -23.72 7.21
CA HIS A 60 21.50 -22.95 6.26
C HIS A 60 21.18 -21.48 6.39
N MET A 61 22.21 -20.64 6.44
CA MET A 61 22.06 -19.19 6.57
C MET A 61 22.70 -18.51 5.36
N TYR A 62 21.87 -17.84 4.57
CA TYR A 62 22.34 -17.10 3.40
C TYR A 62 22.63 -15.66 3.82
N ILE A 63 23.88 -15.23 3.65
CA ILE A 63 24.33 -13.93 4.11
C ILE A 63 24.79 -13.12 2.90
N ASN A 64 24.01 -12.08 2.56
CA ASN A 64 24.41 -11.03 1.64
C ASN A 64 24.04 -9.72 2.32
N SER A 65 24.90 -9.27 3.23
CA SER A 65 24.57 -8.12 4.06
C SER A 65 25.72 -7.12 4.09
N PRO A 66 25.41 -5.83 4.04
CA PRO A 66 26.42 -4.80 4.29
C PRO A 66 26.56 -4.39 5.76
N GLY A 67 25.75 -4.96 6.64
CA GLY A 67 25.85 -4.65 8.06
C GLY A 67 24.54 -4.21 8.67
N GLY A 68 24.61 -3.39 9.71
CA GLY A 68 23.43 -2.87 10.35
C GLY A 68 23.69 -2.58 11.82
N VAL A 69 22.60 -2.58 12.59
CA VAL A 69 22.69 -2.27 14.02
C VAL A 69 23.46 -3.36 14.73
N VAL A 70 24.28 -2.96 15.71
CA VAL A 70 25.13 -3.91 16.41
C VAL A 70 24.31 -4.81 17.32
N THR A 71 23.45 -4.20 18.15
CA THR A 71 22.63 -5.00 19.07
C THR A 71 21.67 -5.91 18.31
N ALA A 72 21.17 -5.46 17.16
CA ALA A 72 20.31 -6.32 16.35
C ALA A 72 21.11 -7.48 15.76
N GLY A 73 22.32 -7.20 15.28
CA GLY A 73 23.16 -8.28 14.77
C GLY A 73 23.63 -9.21 15.87
N LEU A 74 23.96 -8.64 17.04
CA LEU A 74 24.34 -9.47 18.18
C LEU A 74 23.19 -10.36 18.62
N ALA A 75 21.95 -9.86 18.49
CA ALA A 75 20.79 -10.65 18.89
C ALA A 75 20.70 -11.94 18.09
N ILE A 76 20.99 -11.89 16.80
CA ILE A 76 20.99 -13.10 15.98
C ILE A 76 22.10 -14.03 16.42
N TYR A 77 23.33 -13.51 16.52
CA TYR A 77 24.47 -14.32 16.95
C TYR A 77 24.18 -15.03 18.26
N ASP A 78 23.50 -14.35 19.19
CA ASP A 78 23.14 -14.98 20.45
C ASP A 78 22.21 -16.17 20.22
N THR A 79 21.33 -16.08 19.24
CA THR A 79 20.43 -17.19 18.94
C THR A 79 21.16 -18.31 18.20
N MET A 80 22.09 -17.95 17.30
CA MET A 80 22.89 -18.98 16.64
C MET A 80 23.71 -19.79 17.64
N GLN A 81 24.15 -19.16 18.73
CA GLN A 81 24.87 -19.90 19.76
C GLN A 81 23.93 -20.67 20.67
N TYR A 82 22.68 -20.21 20.81
CA TYR A 82 21.74 -20.86 21.71
C TYR A 82 21.27 -22.20 21.14
N ILE A 83 20.78 -22.20 19.90
CA ILE A 83 20.21 -23.41 19.31
C ILE A 83 21.30 -24.47 19.13
N LEU A 84 20.89 -25.73 19.12
CA LEU A 84 21.81 -26.85 19.04
C LEU A 84 22.12 -27.27 17.61
N ASN A 85 21.44 -26.71 16.62
CA ASN A 85 21.59 -27.18 15.25
C ASN A 85 22.94 -26.78 14.68
N PRO A 86 23.51 -27.59 13.79
CA PRO A 86 24.69 -27.16 13.03
C PRO A 86 24.29 -26.10 12.01
N ILE A 87 24.93 -24.94 12.10
CA ILE A 87 24.58 -23.78 11.28
C ILE A 87 25.65 -23.60 10.23
N CYS A 88 25.30 -23.88 8.97
CA CYS A 88 26.17 -23.63 7.83
C CYS A 88 25.93 -22.21 7.36
N THR A 89 26.97 -21.36 7.44
CA THR A 89 26.89 -20.02 6.92
C THR A 89 27.37 -19.98 5.48
N TRP A 90 26.67 -19.21 4.65
CA TRP A 90 27.02 -19.05 3.25
C TRP A 90 27.10 -17.57 2.93
N CYS A 91 28.26 -17.12 2.46
CA CYS A 91 28.46 -15.74 2.04
C CYS A 91 28.33 -15.67 0.53
N VAL A 92 27.35 -14.89 0.06
CA VAL A 92 27.06 -14.76 -1.35
C VAL A 92 26.97 -13.27 -1.67
N GLY A 93 27.86 -12.79 -2.53
CA GLY A 93 27.91 -11.37 -2.84
C GLY A 93 28.85 -10.61 -1.93
N GLN A 94 28.46 -10.39 -0.68
CA GLN A 94 29.29 -9.67 0.26
C GLN A 94 28.83 -9.96 1.68
N ALA A 95 29.76 -9.82 2.62
CA ALA A 95 29.46 -9.90 4.06
C ALA A 95 30.34 -8.87 4.76
N ALA A 96 29.73 -7.74 5.12
CA ALA A 96 30.46 -6.61 5.69
C ALA A 96 29.93 -6.27 7.08
N SER A 97 30.84 -5.87 7.96
CA SER A 97 30.51 -5.41 9.32
C SER A 97 29.79 -6.54 10.05
N MET A 98 28.53 -6.37 10.44
CA MET A 98 27.82 -7.40 11.18
C MET A 98 27.56 -8.65 10.34
N GLY A 99 27.63 -8.54 9.01
CA GLY A 99 27.42 -9.70 8.18
C GLY A 99 28.53 -10.74 8.31
N SER A 100 29.79 -10.28 8.37
CA SER A 100 30.90 -11.21 8.49
C SER A 100 30.95 -11.85 9.87
N LEU A 101 30.46 -11.16 10.89
CA LEU A 101 30.43 -11.75 12.23
C LEU A 101 29.50 -12.94 12.29
N LEU A 102 28.30 -12.81 11.72
CA LEU A 102 27.40 -13.96 11.62
C LEU A 102 28.01 -15.06 10.75
N LEU A 103 28.65 -14.66 9.65
CA LEU A 103 29.29 -15.62 8.77
C LEU A 103 30.37 -16.41 9.50
N ALA A 104 31.22 -15.71 10.26
CA ALA A 104 32.26 -16.38 11.02
C ALA A 104 31.73 -17.14 12.23
N ALA A 105 30.48 -16.89 12.62
CA ALA A 105 29.88 -17.57 13.77
C ALA A 105 29.26 -18.91 13.41
N GLY A 106 29.33 -19.32 12.15
CA GLY A 106 28.78 -20.60 11.76
C GLY A 106 29.52 -21.76 12.39
N THR A 107 28.93 -22.94 12.23
CA THR A 107 29.52 -24.15 12.78
C THR A 107 30.89 -24.38 12.15
N PRO A 108 31.92 -24.67 12.94
CA PRO A 108 33.27 -24.83 12.37
C PRO A 108 33.31 -25.92 11.32
N GLY A 109 33.94 -25.60 10.19
CA GLY A 109 34.00 -26.50 9.06
C GLY A 109 32.86 -26.36 8.07
N MET A 110 31.86 -25.53 8.36
CA MET A 110 30.71 -25.36 7.48
C MET A 110 30.44 -23.89 7.18
N ARG A 111 31.48 -23.04 7.23
CA ARG A 111 31.36 -21.63 6.84
C ARG A 111 31.89 -21.49 5.42
N HIS A 112 31.00 -21.26 4.47
CA HIS A 112 31.34 -21.20 3.06
C HIS A 112 31.26 -19.77 2.54
N SER A 113 31.82 -19.59 1.34
CA SER A 113 31.71 -18.34 0.60
C SER A 113 31.76 -18.65 -0.88
N LEU A 114 31.04 -17.87 -1.67
CA LEU A 114 31.03 -18.05 -3.10
C LEU A 114 32.21 -17.32 -3.73
N PRO A 115 32.65 -17.74 -4.93
CA PRO A 115 34.00 -17.37 -5.38
C PRO A 115 34.25 -15.87 -5.53
N ASN A 116 33.23 -15.06 -5.79
CA ASN A 116 33.43 -13.64 -6.05
C ASN A 116 32.89 -12.75 -4.93
N SER A 117 32.84 -13.28 -3.71
CA SER A 117 32.31 -12.51 -2.59
C SER A 117 33.40 -11.64 -1.97
N ARG A 118 32.96 -10.58 -1.29
CA ARG A 118 33.84 -9.68 -0.57
C ARG A 118 33.49 -9.74 0.92
N ILE A 119 34.51 -9.85 1.76
CA ILE A 119 34.33 -10.00 3.20
C ILE A 119 35.08 -8.87 3.90
N MET A 120 34.36 -8.04 4.63
CA MET A 120 34.93 -6.96 5.42
C MET A 120 34.60 -7.17 6.89
N ILE A 121 35.59 -6.96 7.75
CA ILE A 121 35.38 -6.92 9.19
C ILE A 121 35.52 -5.52 9.74
N HIS A 122 35.86 -4.53 8.91
CA HIS A 122 35.94 -3.15 9.36
C HIS A 122 34.54 -2.62 9.70
N GLN A 123 34.42 -1.97 10.88
CA GLN A 123 33.10 -1.44 11.19
C GLN A 123 32.93 -0.05 10.58
N PRO A 124 31.71 0.31 10.21
CA PRO A 124 31.49 1.63 9.57
C PRO A 124 31.71 2.77 10.55
N SER A 125 32.02 3.93 9.99
CA SER A 125 32.24 5.13 10.79
C SER A 125 30.92 5.80 11.15
N ALA A 132 24.42 2.03 12.69
CA ALA A 132 25.13 2.13 13.96
C ALA A 132 24.35 1.45 15.07
N THR A 133 23.47 2.22 15.72
CA THR A 133 22.65 1.69 16.81
C THR A 133 21.30 2.41 16.79
N ASP A 134 20.40 1.97 17.67
CA ASP A 134 19.03 2.44 17.63
C ASP A 134 18.89 3.86 18.17
N ILE A 135 19.25 4.07 19.43
CA ILE A 135 19.17 5.38 20.05
C ILE A 135 20.57 5.96 20.19
N ALA A 136 20.63 7.29 20.28
CA ALA A 136 21.90 7.97 20.43
C ALA A 136 22.68 7.44 21.62
N ILE A 137 23.99 7.30 21.45
CA ILE A 137 24.80 6.45 22.33
C ILE A 137 26.05 7.20 22.76
N GLN A 138 26.59 6.82 23.92
CA GLN A 138 27.71 7.49 24.54
C GLN A 138 29.04 6.86 24.13
N ALA A 139 30.13 7.52 24.54
CA ALA A 139 31.47 7.10 24.14
C ALA A 139 31.84 5.77 24.77
N GLU A 140 31.73 5.66 26.10
CA GLU A 140 32.11 4.44 26.79
C GLU A 140 31.29 3.24 26.32
N GLU A 141 30.04 3.48 25.91
CA GLU A 141 29.18 2.37 25.49
C GLU A 141 29.56 1.86 24.09
N ILE A 142 29.97 2.77 23.20
CA ILE A 142 30.37 2.35 21.86
C ILE A 142 31.61 1.47 21.93
N MET A 143 32.57 1.84 22.80
CA MET A 143 33.78 1.04 22.95
C MET A 143 33.51 -0.26 23.68
N LYS A 144 32.54 -0.27 24.61
CA LYS A 144 32.12 -1.53 25.20
C LYS A 144 31.53 -2.46 24.15
N LEU A 145 30.85 -1.90 23.16
CA LEU A 145 30.29 -2.71 22.07
C LEU A 145 31.40 -3.24 21.17
N LYS A 146 32.34 -2.38 20.77
CA LYS A 146 33.43 -2.84 19.92
C LYS A 146 34.31 -3.86 20.62
N LYS A 147 34.34 -3.83 21.96
CA LYS A 147 35.18 -4.78 22.68
C LYS A 147 34.58 -6.19 22.66
N GLN A 148 33.25 -6.29 22.72
CA GLN A 148 32.63 -7.61 22.54
C GLN A 148 32.63 -8.06 21.09
N LEU A 149 32.68 -7.11 20.14
CA LEU A 149 32.92 -7.49 18.75
C LEU A 149 34.32 -8.09 18.59
N TYR A 150 35.30 -7.53 19.30
CA TYR A 150 36.64 -8.12 19.31
C TYR A 150 36.62 -9.53 19.85
N ASN A 151 35.90 -9.74 20.96
CA ASN A 151 35.92 -11.05 21.62
C ASN A 151 35.24 -12.12 20.78
N ILE A 152 34.08 -11.79 20.19
CA ILE A 152 33.42 -12.75 19.32
C ILE A 152 34.24 -13.04 18.09
N TYR A 153 34.82 -11.99 17.48
CA TYR A 153 35.68 -12.19 16.31
C TYR A 153 36.90 -13.03 16.66
N ALA A 154 37.53 -12.74 17.80
CA ALA A 154 38.71 -13.51 18.19
C ALA A 154 38.36 -14.94 18.56
N LYS A 155 37.16 -15.15 19.12
CA LYS A 155 36.76 -16.50 19.50
C LYS A 155 36.54 -17.40 18.28
N HIS A 156 35.96 -16.85 17.21
CA HIS A 156 35.57 -17.66 16.06
C HIS A 156 36.62 -17.70 14.97
N THR A 157 37.53 -16.73 14.91
CA THR A 157 38.65 -16.79 14.00
C THR A 157 39.89 -17.41 14.63
N LYS A 158 39.83 -17.71 15.93
CA LYS A 158 40.96 -18.27 16.68
C LYS A 158 42.21 -17.40 16.59
N GLN A 159 42.01 -16.10 16.39
CA GLN A 159 43.10 -15.15 16.26
C GLN A 159 43.36 -14.45 17.59
N SER A 160 44.53 -13.82 17.69
CA SER A 160 44.85 -13.03 18.86
C SER A 160 43.95 -11.81 18.92
N LEU A 161 43.65 -11.39 20.16
CA LEU A 161 42.75 -10.25 20.35
C LEU A 161 43.28 -9.00 19.67
N GLN A 162 44.60 -8.82 19.66
CA GLN A 162 45.20 -7.65 19.03
C GLN A 162 45.26 -7.80 17.51
N VAL A 163 45.40 -9.02 17.01
CA VAL A 163 45.26 -9.27 15.58
C VAL A 163 43.84 -8.96 15.12
N ILE A 164 42.88 -8.99 16.04
CA ILE A 164 41.51 -8.60 15.70
C ILE A 164 41.34 -7.09 15.83
N GLU A 165 41.97 -6.48 16.84
CA GLU A 165 41.98 -5.02 16.92
C GLU A 165 42.67 -4.42 15.71
N SER A 166 43.83 -4.96 15.34
CA SER A 166 44.40 -4.68 14.04
C SER A 166 43.55 -5.33 12.95
N ALA A 167 43.80 -4.93 11.70
CA ALA A 167 43.05 -5.41 10.53
C ALA A 167 41.60 -4.95 10.56
N MET A 168 41.00 -4.85 11.74
CA MET A 168 39.71 -4.17 11.88
C MET A 168 39.86 -2.66 11.83
N GLU A 169 41.08 -2.14 11.98
CA GLU A 169 41.38 -0.75 11.75
C GLU A 169 41.61 -0.42 10.28
N ARG A 170 41.64 -1.44 9.42
CA ARG A 170 41.95 -1.27 8.00
C ARG A 170 40.65 -1.18 7.21
N ASP A 171 40.44 -0.03 6.57
CA ASP A 171 39.30 0.16 5.66
C ASP A 171 39.56 -0.69 4.42
N ARG A 172 39.32 -1.99 4.57
CA ARG A 172 39.76 -2.96 3.57
C ARG A 172 38.77 -4.10 3.47
N TYR A 173 38.66 -4.67 2.27
CA TYR A 173 37.85 -5.84 2.00
C TYR A 173 38.76 -7.03 1.72
N MET A 174 38.30 -8.22 2.10
CA MET A 174 39.07 -9.44 1.91
C MET A 174 38.42 -10.32 0.85
N SER A 175 39.25 -11.13 0.20
CA SER A 175 38.77 -12.16 -0.69
C SER A 175 38.28 -13.34 0.14
N PRO A 176 37.51 -14.27 -0.46
CA PRO A 176 37.17 -15.49 0.26
C PRO A 176 38.38 -16.32 0.65
N MET A 177 39.47 -16.21 -0.11
CA MET A 177 40.69 -16.93 0.25
C MET A 177 41.40 -16.27 1.42
N GLU A 178 41.44 -14.94 1.45
CA GLU A 178 41.97 -14.24 2.63
C GLU A 178 41.11 -14.52 3.85
N ALA A 179 39.78 -14.43 3.69
CA ALA A 179 38.88 -14.70 4.80
C ALA A 179 38.99 -16.15 5.27
N GLN A 180 39.31 -17.08 4.36
CA GLN A 180 39.57 -18.44 4.78
C GLN A 180 40.88 -18.55 5.54
N GLU A 181 41.92 -17.85 5.06
CA GLU A 181 43.22 -17.89 5.73
C GLU A 181 43.17 -17.21 7.09
N PHE A 182 42.28 -16.23 7.26
CA PHE A 182 42.21 -15.47 8.49
C PHE A 182 41.31 -16.11 9.54
N GLY A 183 40.36 -16.93 9.14
CA GLY A 183 39.51 -17.64 10.07
C GLY A 183 38.04 -17.26 10.05
N ILE A 184 37.59 -16.51 9.06
CA ILE A 184 36.17 -16.15 8.98
C ILE A 184 35.36 -17.29 8.40
N LEU A 185 35.91 -18.00 7.41
CA LEU A 185 35.22 -19.12 6.79
C LEU A 185 36.18 -20.28 6.63
N ASP A 186 35.65 -21.43 6.23
CA ASP A 186 36.44 -22.65 6.05
C ASP A 186 36.59 -23.07 4.61
N LYS A 187 35.58 -22.85 3.76
CA LYS A 187 35.63 -23.30 2.37
C LYS A 187 35.20 -22.19 1.43
N VAL A 188 35.81 -22.17 0.25
CA VAL A 188 35.37 -21.34 -0.87
C VAL A 188 35.26 -22.26 -2.08
N LEU A 189 34.05 -22.41 -2.61
CA LEU A 189 33.76 -23.40 -3.64
C LEU A 189 33.07 -22.75 -4.83
N VAL A 190 33.31 -23.34 -6.00
CA VAL A 190 32.61 -22.96 -7.21
C VAL A 190 31.40 -23.86 -7.48
N HIS A 191 31.56 -25.17 -7.26
CA HIS A 191 30.50 -26.14 -7.43
C HIS A 191 30.27 -26.88 -6.12
N PRO A 192 29.15 -27.60 -5.96
CA PRO A 192 28.90 -28.42 -4.76
C PRO A 192 30.07 -29.34 -4.40
N LEU B 2 8.44 -9.80 3.18
CA LEU B 2 7.22 -10.34 3.77
C LEU B 2 7.56 -11.52 4.68
N ILE B 3 6.69 -11.79 5.65
CA ILE B 3 6.96 -12.79 6.68
C ILE B 3 6.53 -14.16 6.18
N PRO B 4 7.37 -15.20 6.34
CA PRO B 4 7.10 -16.49 5.71
C PRO B 4 5.91 -17.24 6.28
N ILE B 5 5.65 -18.43 5.72
CA ILE B 5 4.50 -19.24 6.08
C ILE B 5 5.00 -20.63 6.48
N VAL B 6 4.54 -21.12 7.64
CA VAL B 6 4.88 -22.44 8.12
C VAL B 6 3.60 -23.26 8.23
N VAL B 7 3.76 -24.58 8.29
CA VAL B 7 2.62 -25.49 8.33
C VAL B 7 2.53 -26.22 9.66
N ALA B 16 -1.60 -24.08 8.09
CA ALA B 16 -0.71 -23.11 7.45
C ALA B 16 -0.71 -21.79 8.22
N TYR B 17 0.40 -21.51 8.90
CA TYR B 17 0.55 -20.32 9.72
C TYR B 17 1.63 -19.41 9.15
N ASP B 18 1.50 -18.13 9.43
CA ASP B 18 2.63 -17.21 9.29
C ASP B 18 3.49 -17.27 10.54
N ILE B 19 4.79 -17.01 10.36
CA ILE B 19 5.77 -17.30 11.41
C ILE B 19 5.44 -16.54 12.69
N TYR B 20 4.84 -15.35 12.58
CA TYR B 20 4.49 -14.60 13.77
C TYR B 20 3.19 -15.05 14.41
N SER B 21 2.30 -15.68 13.62
CA SER B 21 1.14 -16.33 14.22
C SER B 21 1.55 -17.65 14.87
N ARG B 22 2.56 -18.32 14.32
CA ARG B 22 3.06 -19.55 14.93
C ARG B 22 3.76 -19.25 16.24
N LEU B 23 4.48 -18.12 16.32
CA LEU B 23 5.12 -17.73 17.57
C LEU B 23 4.10 -17.50 18.68
N LEU B 24 2.90 -17.02 18.32
CA LEU B 24 1.85 -16.85 19.31
C LEU B 24 1.30 -18.19 19.78
N ARG B 25 1.20 -19.16 18.87
CA ARG B 25 0.77 -20.51 19.25
C ARG B 25 1.77 -21.18 20.18
N GLU B 26 3.03 -20.77 20.15
CA GLU B 26 4.04 -21.21 21.10
C GLU B 26 3.97 -20.45 22.42
N ARG B 27 2.94 -19.63 22.61
CA ARG B 27 2.76 -18.81 23.81
C ARG B 27 3.93 -17.85 23.98
N ILE B 28 4.42 -17.29 22.88
CA ILE B 28 5.48 -16.31 22.88
C ILE B 28 4.92 -14.99 22.36
N VAL B 29 5.06 -13.93 23.16
CA VAL B 29 4.65 -12.59 22.78
C VAL B 29 5.89 -11.77 22.51
N CYS B 30 5.97 -11.17 21.32
CA CYS B 30 7.12 -10.40 20.92
C CYS B 30 6.92 -8.92 21.23
N VAL B 31 7.92 -8.31 21.86
CA VAL B 31 7.94 -6.86 22.09
C VAL B 31 9.23 -6.33 21.49
N MET B 32 9.25 -6.17 20.16
CA MET B 32 10.43 -5.75 19.43
C MET B 32 10.25 -4.34 18.88
N GLY B 33 11.26 -3.50 19.07
CA GLY B 33 11.24 -2.16 18.54
C GLY B 33 10.69 -1.14 19.51
N PRO B 34 10.41 0.07 19.01
CA PRO B 34 9.88 1.11 19.88
C PRO B 34 8.47 0.79 20.33
N ILE B 35 8.16 1.18 21.56
CA ILE B 35 6.87 0.87 22.20
C ILE B 35 5.99 2.11 22.10
N ASP B 36 4.84 1.95 21.44
CA ASP B 36 3.83 3.01 21.38
C ASP B 36 2.47 2.43 21.73
N ASP B 37 1.41 3.22 21.55
CA ASP B 37 0.08 2.76 21.91
C ASP B 37 -0.39 1.62 21.01
N SER B 38 0.01 1.62 19.74
CA SER B 38 -0.36 0.53 18.84
C SER B 38 0.31 -0.77 19.26
N VAL B 39 1.58 -0.72 19.64
CA VAL B 39 2.28 -1.91 20.10
C VAL B 39 1.72 -2.36 21.45
N ALA B 40 1.42 -1.40 22.33
CA ALA B 40 0.85 -1.74 23.64
C ALA B 40 -0.50 -2.40 23.48
N SER B 41 -1.34 -1.90 22.58
CA SER B 41 -2.65 -2.52 22.33
C SER B 41 -2.48 -3.94 21.79
N LEU B 42 -1.48 -4.15 20.94
CA LEU B 42 -1.25 -5.49 20.39
C LEU B 42 -0.76 -6.45 21.46
N VAL B 43 0.19 -6.02 22.28
CA VAL B 43 0.75 -6.90 23.32
C VAL B 43 -0.32 -7.26 24.34
N ILE B 44 -1.15 -6.28 24.73
CA ILE B 44 -2.18 -6.53 25.72
C ILE B 44 -3.22 -7.52 25.19
N ALA B 45 -3.54 -7.43 23.90
CA ALA B 45 -4.53 -8.33 23.32
C ALA B 45 -4.07 -9.78 23.38
N GLN B 46 -2.82 -10.04 23.03
CA GLN B 46 -2.32 -11.41 23.06
C GLN B 46 -2.11 -11.90 24.48
N LEU B 47 -1.71 -11.01 25.40
CA LEU B 47 -1.54 -11.41 26.79
C LEU B 47 -2.86 -11.88 27.38
N LEU B 48 -3.97 -11.22 27.03
CA LEU B 48 -5.27 -11.64 27.51
C LEU B 48 -5.76 -12.90 26.79
N PHE B 49 -5.35 -13.09 25.54
CA PHE B 49 -5.74 -14.30 24.82
C PHE B 49 -5.03 -15.53 25.37
N LEU B 50 -3.73 -15.41 25.63
CA LEU B 50 -2.98 -16.55 26.16
C LEU B 50 -3.47 -16.94 27.55
N GLN B 51 -3.96 -15.96 28.33
CA GLN B 51 -4.63 -16.29 29.58
C GLN B 51 -5.98 -16.92 29.33
N SER B 52 -6.68 -16.48 28.27
CA SER B 52 -7.96 -17.09 27.91
C SER B 52 -7.78 -18.56 27.51
N GLU B 53 -6.63 -18.89 26.91
CA GLU B 53 -6.36 -20.29 26.59
C GLU B 53 -6.05 -21.09 27.84
N SER B 54 -5.21 -20.54 28.72
CA SER B 54 -4.84 -21.22 29.95
C SER B 54 -4.33 -20.19 30.94
N ASN B 55 -4.75 -20.32 32.20
CA ASN B 55 -4.35 -19.42 33.27
C ASN B 55 -3.18 -19.96 34.08
N LYS B 56 -2.55 -21.05 33.62
CA LYS B 56 -1.44 -21.65 34.37
C LYS B 56 -0.19 -21.79 33.51
N LYS B 57 -0.37 -22.05 32.22
CA LYS B 57 0.78 -22.24 31.34
C LYS B 57 1.62 -20.98 31.29
N PRO B 58 2.92 -21.06 31.50
CA PRO B 58 3.77 -19.86 31.45
C PRO B 58 3.75 -19.23 30.06
N ILE B 59 4.01 -17.93 30.02
CA ILE B 59 4.05 -17.16 28.79
C ILE B 59 5.42 -16.52 28.65
N HIS B 60 5.98 -16.60 27.45
CA HIS B 60 7.34 -16.11 27.18
C HIS B 60 7.27 -14.77 26.47
N MET B 61 8.05 -13.81 26.95
CA MET B 61 8.09 -12.46 26.41
C MET B 61 9.47 -12.22 25.82
N TYR B 62 9.52 -11.89 24.53
CA TYR B 62 10.76 -11.56 23.85
C TYR B 62 10.88 -10.05 23.75
N ILE B 63 11.93 -9.49 24.36
CA ILE B 63 12.12 -8.05 24.44
C ILE B 63 13.38 -7.68 23.68
N ASN B 64 13.22 -6.86 22.62
CA ASN B 64 14.33 -6.25 21.89
C ASN B 64 13.87 -4.84 21.55
N SER B 65 13.93 -3.94 22.53
CA SER B 65 13.33 -2.64 22.42
C SER B 65 14.28 -1.55 22.90
N PRO B 66 14.28 -0.38 22.24
CA PRO B 66 14.99 0.78 22.76
C PRO B 66 14.18 1.65 23.72
N GLY B 67 12.93 1.30 23.99
CA GLY B 67 12.06 2.08 24.84
C GLY B 67 10.82 2.55 24.09
N GLY B 68 10.25 3.66 24.56
CA GLY B 68 9.14 4.28 23.88
C GLY B 68 8.28 5.06 24.86
N VAL B 69 7.01 5.22 24.47
CA VAL B 69 6.08 6.04 25.23
C VAL B 69 5.84 5.41 26.60
N VAL B 70 5.91 6.23 27.65
CA VAL B 70 5.84 5.72 29.02
C VAL B 70 4.44 5.21 29.33
N THR B 71 3.40 5.95 28.95
CA THR B 71 2.04 5.51 29.23
C THR B 71 1.70 4.22 28.49
N ALA B 72 2.34 3.99 27.35
CA ALA B 72 2.16 2.72 26.64
C ALA B 72 2.93 1.59 27.32
N GLY B 73 4.15 1.87 27.77
CA GLY B 73 4.91 0.87 28.49
C GLY B 73 4.29 0.53 29.83
N LEU B 74 3.73 1.53 30.52
CA LEU B 74 3.02 1.27 31.76
C LEU B 74 1.74 0.46 31.51
N ALA B 75 1.13 0.65 30.34
CA ALA B 75 -0.06 -0.13 29.99
C ALA B 75 0.26 -1.62 29.91
N ILE B 76 1.38 -1.96 29.27
CA ILE B 76 1.82 -3.36 29.22
C ILE B 76 2.11 -3.86 30.63
N TYR B 77 2.85 -3.08 31.41
CA TYR B 77 3.27 -3.52 32.74
C TYR B 77 2.07 -3.88 33.61
N ASP B 78 1.05 -3.01 33.64
CA ASP B 78 -0.13 -3.28 34.45
C ASP B 78 -0.81 -4.57 34.02
N THR B 79 -0.77 -4.88 32.72
CA THR B 79 -1.42 -6.09 32.23
C THR B 79 -0.67 -7.35 32.68
N MET B 80 0.67 -7.31 32.67
CA MET B 80 1.43 -8.45 33.16
C MET B 80 1.22 -8.68 34.65
N GLN B 81 0.98 -7.61 35.41
CA GLN B 81 0.65 -7.77 36.82
C GLN B 81 -0.80 -8.25 37.01
N TYR B 82 -1.69 -7.87 36.09
CA TYR B 82 -3.09 -8.29 36.18
C TYR B 82 -3.22 -9.78 35.89
N ILE B 83 -2.64 -10.24 34.77
CA ILE B 83 -2.75 -11.63 34.37
C ILE B 83 -2.16 -12.53 35.45
N LEU B 84 -2.73 -13.72 35.59
CA LEU B 84 -2.33 -14.67 36.63
C LEU B 84 -1.27 -15.67 36.18
N ASN B 85 -0.90 -15.64 34.90
CA ASN B 85 0.06 -16.61 34.40
C ASN B 85 1.49 -16.26 34.84
N PRO B 86 2.35 -17.26 35.00
CA PRO B 86 3.78 -16.98 35.16
C PRO B 86 4.35 -16.49 33.84
N ILE B 87 5.15 -15.43 33.90
CA ILE B 87 5.66 -14.75 32.71
C ILE B 87 7.17 -14.83 32.71
N CYS B 88 7.74 -15.35 31.64
CA CYS B 88 9.19 -15.36 31.43
C CYS B 88 9.53 -14.24 30.45
N THR B 89 10.37 -13.31 30.89
CA THR B 89 10.89 -12.26 30.02
C THR B 89 12.26 -12.69 29.50
N TRP B 90 12.54 -12.35 28.24
CA TRP B 90 13.78 -12.71 27.59
C TRP B 90 14.34 -11.50 26.87
N CYS B 91 15.60 -11.17 27.15
CA CYS B 91 16.26 -10.03 26.53
C CYS B 91 17.19 -10.52 25.43
N VAL B 92 16.95 -10.05 24.20
CA VAL B 92 17.79 -10.35 23.06
C VAL B 92 18.17 -9.02 22.42
N GLY B 93 19.47 -8.75 22.36
CA GLY B 93 19.94 -7.49 21.81
C GLY B 93 20.05 -6.38 22.84
N GLN B 94 18.92 -5.81 23.24
CA GLN B 94 18.94 -4.73 24.21
C GLN B 94 17.55 -4.56 24.83
N ALA B 95 17.54 -3.97 26.03
CA ALA B 95 16.31 -3.61 26.73
C ALA B 95 16.58 -2.26 27.39
N ALA B 96 16.16 -1.18 26.75
CA ALA B 96 16.47 0.17 27.20
C ALA B 96 15.19 0.92 27.54
N SER B 97 15.31 1.82 28.53
CA SER B 97 14.22 2.71 28.97
C SER B 97 13.04 1.84 29.39
N MET B 98 11.86 2.00 28.79
CA MET B 98 10.71 1.17 29.16
C MET B 98 10.94 -0.30 28.85
N GLY B 99 11.87 -0.61 27.93
CA GLY B 99 12.13 -1.99 27.60
C GLY B 99 12.66 -2.79 28.78
N SER B 100 13.57 -2.19 29.56
CA SER B 100 14.12 -2.88 30.72
C SER B 100 13.12 -2.94 31.88
N LEU B 101 12.10 -2.07 31.86
CA LEU B 101 11.08 -2.15 32.90
C LEU B 101 10.22 -3.40 32.72
N LEU B 102 9.82 -3.70 31.48
CA LEU B 102 9.09 -4.93 31.22
C LEU B 102 9.98 -6.15 31.47
N LEU B 103 11.26 -6.05 31.13
CA LEU B 103 12.20 -7.13 31.42
C LEU B 103 12.24 -7.44 32.91
N ALA B 104 12.38 -6.41 33.74
CA ALA B 104 12.39 -6.60 35.18
C ALA B 104 11.00 -6.93 35.74
N ALA B 105 9.95 -6.75 34.95
CA ALA B 105 8.59 -7.02 35.41
C ALA B 105 8.22 -8.49 35.33
N GLY B 106 9.13 -9.37 34.92
CA GLY B 106 8.84 -10.77 34.81
C GLY B 106 8.66 -11.43 36.16
N THR B 107 8.10 -12.64 36.13
CA THR B 107 7.89 -13.41 37.34
C THR B 107 9.23 -13.69 38.00
N PRO B 108 9.37 -13.49 39.32
CA PRO B 108 10.67 -13.67 39.97
C PRO B 108 11.22 -15.08 39.74
N GLY B 109 12.48 -15.13 39.31
CA GLY B 109 13.15 -16.37 38.99
C GLY B 109 13.06 -16.79 37.53
N MET B 110 12.34 -16.03 36.70
CA MET B 110 12.13 -16.40 35.30
C MET B 110 12.45 -15.26 34.35
N ARG B 111 13.28 -14.30 34.77
CA ARG B 111 13.72 -13.21 33.91
C ARG B 111 15.09 -13.57 33.35
N HIS B 112 15.18 -13.66 32.02
CA HIS B 112 16.38 -14.14 31.35
C HIS B 112 16.95 -13.08 30.43
N SER B 113 18.20 -13.29 30.03
CA SER B 113 18.86 -12.46 29.03
C SER B 113 19.92 -13.30 28.34
N LEU B 114 20.08 -13.08 27.05
CA LEU B 114 21.12 -13.78 26.31
C LEU B 114 22.45 -13.03 26.48
N PRO B 115 23.58 -13.73 26.35
CA PRO B 115 24.83 -13.22 26.94
C PRO B 115 25.28 -11.87 26.44
N ASN B 116 25.01 -11.51 25.18
CA ASN B 116 25.58 -10.30 24.59
C ASN B 116 24.58 -9.15 24.52
N SER B 117 23.62 -9.09 25.45
CA SER B 117 22.64 -8.03 25.45
C SER B 117 23.11 -6.84 26.28
N ARG B 118 22.41 -5.71 26.11
CA ARG B 118 22.73 -4.48 26.82
C ARG B 118 21.47 -3.99 27.52
N ILE B 119 21.57 -3.76 28.83
CA ILE B 119 20.43 -3.38 29.66
C ILE B 119 20.59 -1.95 30.11
N MET B 120 19.57 -1.12 29.86
CA MET B 120 19.59 0.28 30.24
C MET B 120 18.34 0.62 31.02
N ILE B 121 18.53 1.18 32.21
CA ILE B 121 17.42 1.69 33.03
C ILE B 121 17.34 3.21 33.01
N HIS B 122 18.38 3.89 32.53
CA HIS B 122 18.35 5.34 32.41
C HIS B 122 17.29 5.77 31.40
N GLN B 123 16.45 6.72 31.80
CA GLN B 123 15.39 7.14 30.89
C GLN B 123 15.91 8.19 29.91
N PRO B 124 15.44 8.17 28.66
CA PRO B 124 15.96 9.11 27.67
C PRO B 124 15.52 10.54 27.97
N SER B 125 16.44 11.47 27.78
CA SER B 125 16.15 12.88 28.01
C SER B 125 15.29 13.43 26.88
N ALA B 136 2.78 16.58 24.77
CA ALA B 136 3.23 17.71 25.56
C ALA B 136 2.54 17.73 26.92
N ILE B 137 3.32 17.56 27.99
CA ILE B 137 2.80 17.55 29.35
C ILE B 137 3.62 18.50 30.20
N GLN B 138 3.02 18.92 31.32
CA GLN B 138 3.66 19.89 32.20
C GLN B 138 4.86 19.26 32.90
N ALA B 139 5.67 20.13 33.51
CA ALA B 139 6.87 19.67 34.19
C ALA B 139 6.52 18.76 35.37
N GLU B 140 5.50 19.12 36.16
CA GLU B 140 5.15 18.33 37.33
C GLU B 140 4.67 16.94 36.94
N GLU B 141 4.13 16.78 35.72
CA GLU B 141 3.70 15.46 35.27
C GLU B 141 4.87 14.58 34.85
N ILE B 142 5.95 15.18 34.36
CA ILE B 142 7.15 14.40 34.05
C ILE B 142 7.75 13.82 35.33
N MET B 143 7.79 14.63 36.40
CA MET B 143 8.31 14.15 37.67
C MET B 143 7.37 13.13 38.30
N LYS B 144 6.06 13.29 38.11
CA LYS B 144 5.11 12.33 38.66
C LYS B 144 5.23 10.98 37.97
N LEU B 145 5.42 10.99 36.64
CA LEU B 145 5.61 9.74 35.91
C LEU B 145 6.92 9.08 36.30
N LYS B 146 7.98 9.87 36.52
CA LYS B 146 9.28 9.31 36.88
C LYS B 146 9.22 8.58 38.20
N LYS B 147 8.47 9.12 39.18
CA LYS B 147 8.36 8.47 40.47
C LYS B 147 7.65 7.13 40.37
N GLN B 148 6.72 7.00 39.42
CA GLN B 148 6.14 5.69 39.15
C GLN B 148 7.20 4.73 38.63
N LEU B 149 8.06 5.19 37.72
CA LEU B 149 9.14 4.35 37.21
C LEU B 149 10.10 3.96 38.32
N TYR B 150 10.43 4.90 39.22
CA TYR B 150 11.31 4.59 40.33
C TYR B 150 10.74 3.46 41.19
N ASN B 151 9.45 3.56 41.54
CA ASN B 151 8.86 2.58 42.45
C ASN B 151 8.74 1.21 41.78
N ILE B 152 8.43 1.17 40.48
CA ILE B 152 8.38 -0.11 39.78
C ILE B 152 9.75 -0.78 39.79
N TYR B 153 10.79 -0.03 39.42
CA TYR B 153 12.13 -0.59 39.40
C TYR B 153 12.54 -1.08 40.79
N ALA B 154 12.28 -0.28 41.82
CA ALA B 154 12.67 -0.69 43.17
C ALA B 154 11.88 -1.88 43.66
N LYS B 155 10.63 -2.05 43.21
CA LYS B 155 9.82 -3.16 43.67
C LYS B 155 10.34 -4.49 43.12
N HIS B 156 10.76 -4.51 41.86
CA HIS B 156 11.19 -5.75 41.23
C HIS B 156 12.70 -6.01 41.39
N THR B 157 13.49 -4.98 41.69
CA THR B 157 14.92 -5.15 41.92
C THR B 157 15.28 -5.30 43.39
N LYS B 158 14.32 -5.07 44.29
CA LYS B 158 14.55 -5.10 45.74
C LYS B 158 15.62 -4.10 46.16
N GLN B 159 15.78 -3.03 45.40
CA GLN B 159 16.75 -1.98 45.69
C GLN B 159 16.06 -0.81 46.37
N SER B 160 16.82 -0.05 47.15
CA SER B 160 16.29 1.14 47.78
C SER B 160 16.04 2.23 46.74
N LEU B 161 15.18 3.18 47.10
CA LEU B 161 14.76 4.20 46.15
C LEU B 161 15.91 5.08 45.71
N GLN B 162 16.76 5.49 46.66
CA GLN B 162 17.87 6.38 46.31
C GLN B 162 18.92 5.66 45.46
N VAL B 163 19.03 4.35 45.59
CA VAL B 163 19.91 3.59 44.71
C VAL B 163 19.36 3.56 43.29
N ILE B 164 18.04 3.40 43.15
CA ILE B 164 17.42 3.43 41.84
C ILE B 164 17.51 4.82 41.24
N GLU B 165 17.27 5.86 42.06
CA GLU B 165 17.32 7.23 41.55
C GLU B 165 18.72 7.59 41.09
N SER B 166 19.74 7.20 41.85
CA SER B 166 21.12 7.55 41.50
C SER B 166 21.61 6.76 40.30
N ALA B 167 21.14 5.52 40.14
CA ALA B 167 21.59 4.70 39.01
C ALA B 167 20.89 5.07 37.71
N MET B 168 19.58 5.29 37.76
CA MET B 168 18.85 5.77 36.60
C MET B 168 19.37 7.12 36.13
N GLU B 169 20.10 7.83 36.99
CA GLU B 169 20.73 9.11 36.68
C GLU B 169 21.96 8.96 35.80
N ARG B 170 22.49 7.75 35.64
CA ARG B 170 23.72 7.51 34.90
C ARG B 170 23.37 7.07 33.48
N ASP B 171 23.89 7.78 32.49
CA ASP B 171 23.65 7.49 31.08
C ASP B 171 24.61 6.39 30.62
N ARG B 172 24.21 5.15 30.87
CA ARG B 172 25.06 4.01 30.54
C ARG B 172 24.22 2.74 30.45
N TYR B 173 24.77 1.76 29.75
CA TYR B 173 24.21 0.42 29.65
C TYR B 173 24.95 -0.53 30.58
N MET B 174 24.29 -1.63 30.91
CA MET B 174 24.85 -2.66 31.78
C MET B 174 25.11 -3.94 31.01
N SER B 175 26.06 -4.72 31.52
CA SER B 175 26.21 -6.09 31.09
C SER B 175 25.08 -6.95 31.66
N PRO B 176 24.73 -8.06 31.00
CA PRO B 176 23.71 -8.95 31.58
C PRO B 176 24.09 -9.47 32.94
N MET B 177 25.38 -9.64 33.24
CA MET B 177 25.79 -10.05 34.58
C MET B 177 25.62 -8.91 35.57
N GLU B 178 25.92 -7.68 35.15
CA GLU B 178 25.70 -6.53 36.03
C GLU B 178 24.21 -6.35 36.32
N ALA B 179 23.37 -6.48 35.30
CA ALA B 179 21.93 -6.34 35.49
C ALA B 179 21.33 -7.42 36.37
N GLN B 180 21.98 -8.58 36.45
CA GLN B 180 21.46 -9.66 37.30
C GLN B 180 21.73 -9.40 38.77
N GLU B 181 22.94 -8.93 39.10
CA GLU B 181 23.24 -8.58 40.49
C GLU B 181 22.46 -7.35 40.94
N PHE B 182 22.14 -6.45 40.01
CA PHE B 182 21.35 -5.28 40.37
C PHE B 182 19.91 -5.64 40.67
N GLY B 183 19.42 -6.73 40.07
CA GLY B 183 18.07 -7.19 40.30
C GLY B 183 17.13 -7.08 39.11
N ILE B 184 17.63 -6.69 37.93
CA ILE B 184 16.75 -6.51 36.78
C ILE B 184 16.39 -7.86 36.16
N LEU B 185 17.30 -8.82 36.19
CA LEU B 185 17.04 -10.14 35.63
C LEU B 185 17.61 -11.20 36.57
N ASP B 186 17.35 -12.47 36.24
CA ASP B 186 17.72 -13.58 37.10
C ASP B 186 18.70 -14.55 36.44
N LYS B 187 18.56 -14.82 35.14
CA LYS B 187 19.36 -15.86 34.49
C LYS B 187 20.06 -15.29 33.26
N VAL B 188 21.36 -15.57 33.16
CA VAL B 188 22.16 -15.26 31.97
C VAL B 188 22.68 -16.59 31.44
N LEU B 189 22.11 -17.06 30.34
CA LEU B 189 22.41 -18.39 29.82
C LEU B 189 22.96 -18.31 28.40
N VAL B 190 23.76 -19.30 28.05
CA VAL B 190 24.25 -19.46 26.69
C VAL B 190 23.51 -20.57 25.96
N HIS B 191 23.26 -21.69 26.62
CA HIS B 191 22.55 -22.83 26.09
C HIS B 191 21.46 -23.24 27.07
N PRO B 192 20.44 -23.99 26.61
CA PRO B 192 19.40 -24.49 27.52
C PRO B 192 19.95 -25.35 28.65
N LEU C 2 1.87 -6.11 11.57
CA LEU C 2 1.08 -7.30 11.23
C LEU C 2 0.25 -7.77 12.41
N ILE C 3 -1.01 -8.10 12.14
CA ILE C 3 -1.96 -8.53 13.16
C ILE C 3 -1.96 -10.06 13.19
N PRO C 4 -1.66 -10.69 14.33
CA PRO C 4 -1.59 -12.16 14.38
C PRO C 4 -2.95 -12.80 14.18
N ILE C 5 -2.91 -14.12 13.98
CA ILE C 5 -4.10 -14.92 13.72
C ILE C 5 -4.20 -16.01 14.78
N VAL C 6 -5.37 -16.14 15.40
CA VAL C 6 -5.62 -17.15 16.41
C VAL C 6 -6.75 -18.05 15.92
N VAL C 7 -6.79 -19.25 16.48
CA VAL C 7 -7.80 -20.24 16.09
C VAL C 7 -8.66 -20.64 17.28
N ALA C 16 -10.63 -19.41 12.71
CA ALA C 16 -9.37 -18.71 12.51
C ALA C 16 -9.59 -17.21 12.40
N TYR C 17 -9.28 -16.49 13.47
CA TYR C 17 -9.55 -15.07 13.58
C TYR C 17 -8.25 -14.29 13.74
N ASP C 18 -8.26 -13.05 13.25
CA ASP C 18 -7.26 -12.10 13.69
C ASP C 18 -7.58 -11.66 15.12
N ILE C 19 -6.53 -11.29 15.86
CA ILE C 19 -6.70 -11.05 17.29
C ILE C 19 -7.71 -9.95 17.57
N TYR C 20 -7.84 -8.97 16.66
CA TYR C 20 -8.79 -7.89 16.89
C TYR C 20 -10.23 -8.34 16.63
N SER C 21 -10.44 -9.16 15.60
CA SER C 21 -11.77 -9.73 15.39
C SER C 21 -12.13 -10.71 16.50
N ARG C 22 -11.13 -11.32 17.13
CA ARG C 22 -11.38 -12.20 18.27
C ARG C 22 -11.80 -11.42 19.50
N LEU C 23 -11.27 -10.21 19.68
CA LEU C 23 -11.66 -9.38 20.81
C LEU C 23 -13.13 -8.98 20.71
N LEU C 24 -13.61 -8.71 19.50
CA LEU C 24 -15.02 -8.37 19.32
C LEU C 24 -15.93 -9.55 19.66
N ARG C 25 -15.41 -10.78 19.57
CA ARG C 25 -16.17 -11.93 20.03
C ARG C 25 -16.25 -12.02 21.54
N GLU C 26 -15.30 -11.42 22.25
CA GLU C 26 -15.34 -11.28 23.70
C GLU C 26 -16.20 -10.10 24.14
N ARG C 27 -16.89 -9.45 23.20
CA ARG C 27 -17.67 -8.25 23.47
C ARG C 27 -16.79 -7.13 24.01
N ILE C 28 -15.58 -7.03 23.49
CA ILE C 28 -14.62 -5.99 23.86
C ILE C 28 -14.44 -5.06 22.68
N VAL C 29 -14.65 -3.76 22.91
CA VAL C 29 -14.46 -2.73 21.90
C VAL C 29 -13.28 -1.86 22.34
N CYS C 30 -12.30 -1.71 21.46
CA CYS C 30 -11.07 -1.00 21.77
C CYS C 30 -11.16 0.45 21.32
N VAL C 31 -10.85 1.37 22.23
CA VAL C 31 -10.71 2.78 21.89
C VAL C 31 -9.25 3.17 22.12
N MET C 32 -8.37 2.78 21.19
CA MET C 32 -6.95 3.00 21.31
C MET C 32 -6.52 4.14 20.41
N GLY C 33 -5.78 5.10 20.98
CA GLY C 33 -5.21 6.17 20.19
C GLY C 33 -6.12 7.38 20.06
N PRO C 34 -5.69 8.34 19.24
CA PRO C 34 -6.50 9.54 19.04
C PRO C 34 -7.83 9.22 18.37
N ILE C 35 -8.84 10.05 18.66
CA ILE C 35 -10.21 9.83 18.21
C ILE C 35 -10.52 10.81 17.10
N ASP C 36 -10.86 10.28 15.92
CA ASP C 36 -11.40 11.07 14.82
C ASP C 36 -12.64 10.36 14.28
N ASP C 37 -13.22 10.94 13.22
CA ASP C 37 -14.46 10.40 12.67
C ASP C 37 -14.31 8.96 12.18
N SER C 38 -13.08 8.54 11.86
CA SER C 38 -12.86 7.14 11.51
C SER C 38 -13.00 6.24 12.74
N VAL C 39 -12.50 6.70 13.89
CA VAL C 39 -12.62 5.92 15.12
C VAL C 39 -14.08 5.88 15.58
N ALA C 40 -14.78 7.00 15.49
CA ALA C 40 -16.18 7.04 15.92
C ALA C 40 -17.04 6.09 15.10
N SER C 41 -16.75 5.99 13.80
CA SER C 41 -17.51 5.11 12.92
C SER C 41 -17.29 3.65 13.30
N LEU C 42 -16.04 3.30 13.62
CA LEU C 42 -15.72 1.93 13.96
C LEU C 42 -16.26 1.55 15.33
N VAL C 43 -16.14 2.46 16.30
CA VAL C 43 -16.64 2.17 17.65
C VAL C 43 -18.15 2.02 17.64
N ILE C 44 -18.86 2.95 16.99
CA ILE C 44 -20.32 2.89 16.95
C ILE C 44 -20.78 1.65 16.18
N ALA C 45 -20.06 1.29 15.11
CA ALA C 45 -20.41 0.08 14.37
C ALA C 45 -20.24 -1.16 15.24
N GLN C 46 -19.12 -1.24 15.98
CA GLN C 46 -18.92 -2.35 16.90
C GLN C 46 -19.94 -2.29 18.05
N LEU C 47 -20.25 -1.09 18.53
CA LEU C 47 -21.21 -0.95 19.62
C LEU C 47 -22.60 -1.43 19.18
N LEU C 48 -23.04 -1.02 18.00
CA LEU C 48 -24.38 -1.38 17.53
C LEU C 48 -24.46 -2.87 17.20
N PHE C 49 -23.39 -3.46 16.69
CA PHE C 49 -23.41 -4.89 16.36
C PHE C 49 -23.54 -5.74 17.62
N LEU C 50 -22.84 -5.36 18.69
CA LEU C 50 -22.89 -6.15 19.92
C LEU C 50 -24.27 -6.06 20.58
N GLN C 51 -24.98 -4.95 20.37
CA GLN C 51 -26.33 -4.83 20.92
C GLN C 51 -27.31 -5.74 20.19
N SER C 52 -27.15 -5.88 18.87
CA SER C 52 -28.05 -6.73 18.10
C SER C 52 -27.87 -8.20 18.45
N GLU C 53 -26.66 -8.60 18.84
CA GLU C 53 -26.45 -9.98 19.28
C GLU C 53 -27.19 -10.25 20.59
N SER C 54 -27.10 -9.32 21.53
CA SER C 54 -27.82 -9.41 22.79
C SER C 54 -27.77 -8.04 23.46
N ASN C 55 -28.94 -7.52 23.81
CA ASN C 55 -29.06 -6.17 24.32
C ASN C 55 -28.92 -6.07 25.83
N LYS C 56 -28.64 -7.18 26.52
CA LYS C 56 -28.46 -7.17 27.96
C LYS C 56 -27.08 -7.64 28.41
N LYS C 57 -26.37 -8.40 27.60
CA LYS C 57 -25.03 -8.84 27.98
C LYS C 57 -24.08 -7.64 27.98
N PRO C 58 -23.28 -7.46 29.04
CA PRO C 58 -22.42 -6.27 29.11
C PRO C 58 -21.41 -6.22 27.97
N ILE C 59 -21.03 -4.99 27.62
CA ILE C 59 -20.01 -4.72 26.61
C ILE C 59 -18.83 -4.03 27.29
N HIS C 60 -17.62 -4.47 26.95
CA HIS C 60 -16.41 -3.94 27.54
C HIS C 60 -15.76 -2.95 26.58
N MET C 61 -15.35 -1.79 27.11
CA MET C 61 -14.73 -0.74 26.33
C MET C 61 -13.34 -0.48 26.88
N TYR C 62 -12.32 -0.76 26.08
CA TYR C 62 -10.93 -0.57 26.47
C TYR C 62 -10.48 0.81 26.01
N ILE C 63 -9.98 1.62 26.94
CA ILE C 63 -9.67 3.02 26.68
C ILE C 63 -8.20 3.28 26.94
N ASN C 64 -7.48 3.68 25.90
CA ASN C 64 -6.11 4.19 26.00
C ASN C 64 -6.00 5.27 24.91
N SER C 65 -6.38 6.50 25.27
CA SER C 65 -6.50 7.56 24.28
C SER C 65 -6.01 8.89 24.83
N PRO C 66 -5.35 9.69 23.99
CA PRO C 66 -5.00 11.07 24.38
C PRO C 66 -6.10 12.08 24.14
N GLY C 67 -7.20 11.68 23.49
CA GLY C 67 -8.28 12.58 23.14
C GLY C 67 -8.56 12.55 21.64
N GLY C 68 -9.07 13.65 21.13
CA GLY C 68 -9.29 13.80 19.71
C GLY C 68 -10.42 14.77 19.43
N VAL C 69 -11.04 14.56 18.26
CA VAL C 69 -12.10 15.46 17.81
C VAL C 69 -13.28 15.38 18.77
N VAL C 70 -13.78 16.56 19.17
CA VAL C 70 -14.83 16.60 20.19
C VAL C 70 -16.15 16.05 19.64
N THR C 71 -16.50 16.42 18.40
CA THR C 71 -17.74 15.93 17.82
C THR C 71 -17.69 14.43 17.57
N ALA C 72 -16.49 13.89 17.28
CA ALA C 72 -16.38 12.44 17.08
C ALA C 72 -16.52 11.70 18.41
N GLY C 73 -15.86 12.19 19.45
CA GLY C 73 -16.00 11.56 20.76
C GLY C 73 -17.40 11.68 21.32
N LEU C 74 -18.08 12.80 21.03
CA LEU C 74 -19.47 12.95 21.47
C LEU C 74 -20.39 12.00 20.73
N ALA C 75 -20.05 11.65 19.49
CA ALA C 75 -20.84 10.68 18.74
C ALA C 75 -20.76 9.30 19.38
N ILE C 76 -19.56 8.91 19.83
CA ILE C 76 -19.41 7.64 20.56
C ILE C 76 -20.22 7.70 21.85
N TYR C 77 -20.05 8.78 22.63
CA TYR C 77 -20.77 8.92 23.89
C TYR C 77 -22.28 8.81 23.68
N ASP C 78 -22.80 9.46 22.64
CA ASP C 78 -24.23 9.41 22.37
C ASP C 78 -24.69 8.00 22.06
N THR C 79 -23.82 7.18 21.45
CA THR C 79 -24.18 5.80 21.17
C THR C 79 -24.16 4.96 22.43
N MET C 80 -23.19 5.21 23.32
CA MET C 80 -23.17 4.50 24.61
C MET C 80 -24.41 4.81 25.43
N GLN C 81 -24.99 6.00 25.25
CA GLN C 81 -26.25 6.34 25.91
C GLN C 81 -27.46 5.80 25.16
N TYR C 82 -27.32 5.52 23.87
CA TYR C 82 -28.44 5.00 23.08
C TYR C 82 -28.66 3.52 23.35
N ILE C 83 -27.58 2.72 23.29
CA ILE C 83 -27.74 1.28 23.44
C ILE C 83 -28.16 0.93 24.86
N LEU C 84 -28.80 -0.23 24.99
CA LEU C 84 -29.33 -0.69 26.28
C LEU C 84 -28.32 -1.50 27.07
N ASN C 85 -27.19 -1.88 26.49
CA ASN C 85 -26.25 -2.75 27.17
C ASN C 85 -25.54 -1.99 28.29
N PRO C 86 -25.35 -2.61 29.44
CA PRO C 86 -24.44 -2.04 30.45
C PRO C 86 -23.00 -2.11 29.93
N ILE C 87 -22.31 -0.97 30.00
CA ILE C 87 -20.97 -0.84 29.43
C ILE C 87 -19.96 -0.71 30.56
N CYS C 88 -18.95 -1.57 30.53
CA CYS C 88 -17.83 -1.50 31.47
C CYS C 88 -16.66 -0.81 30.76
N THR C 89 -16.22 0.32 31.32
CA THR C 89 -15.06 1.03 30.80
C THR C 89 -13.82 0.63 31.58
N TRP C 90 -12.71 0.46 30.87
CA TRP C 90 -11.44 0.08 31.48
C TRP C 90 -10.37 1.04 30.99
N CYS C 91 -9.72 1.74 31.92
CA CYS C 91 -8.64 2.66 31.60
C CYS C 91 -7.32 1.92 31.74
N VAL C 92 -6.55 1.87 30.66
CA VAL C 92 -5.24 1.26 30.62
C VAL C 92 -4.31 2.22 29.91
N GLY C 93 -3.17 2.53 30.52
CA GLY C 93 -2.27 3.51 29.96
C GLY C 93 -2.63 4.93 30.33
N GLN C 94 -3.64 5.50 29.67
CA GLN C 94 -4.07 6.85 29.96
C GLN C 94 -5.45 7.09 29.39
N ALA C 95 -6.11 8.13 29.91
CA ALA C 95 -7.41 8.59 29.41
C ALA C 95 -7.40 10.12 29.50
N ALA C 96 -6.95 10.77 28.44
CA ALA C 96 -6.78 12.22 28.43
C ALA C 96 -7.80 12.86 27.50
N SER C 97 -8.29 14.03 27.92
CA SER C 97 -9.24 14.84 27.14
C SER C 97 -10.49 14.01 26.86
N MET C 98 -10.85 13.76 25.60
CA MET C 98 -12.07 13.00 25.30
C MET C 98 -12.01 11.57 25.82
N GLY C 99 -10.80 11.05 26.06
CA GLY C 99 -10.70 9.67 26.53
C GLY C 99 -11.30 9.47 27.90
N SER C 100 -11.11 10.42 28.81
CA SER C 100 -11.66 10.31 30.15
C SER C 100 -13.15 10.53 30.19
N LEU C 101 -13.71 11.24 29.21
CA LEU C 101 -15.15 11.44 29.16
C LEU C 101 -15.87 10.12 28.93
N LEU C 102 -15.42 9.34 27.93
CA LEU C 102 -15.99 8.02 27.72
C LEU C 102 -15.68 7.09 28.88
N LEU C 103 -14.53 7.28 29.54
CA LEU C 103 -14.22 6.51 30.73
C LEU C 103 -15.24 6.74 31.83
N ALA C 104 -15.60 8.01 32.05
CA ALA C 104 -16.61 8.36 33.04
C ALA C 104 -18.03 8.05 32.58
N ALA C 105 -18.23 7.78 31.29
CA ALA C 105 -19.55 7.50 30.74
C ALA C 105 -19.92 6.02 30.83
N GLY C 106 -19.13 5.20 31.49
CA GLY C 106 -19.47 3.81 31.68
C GLY C 106 -20.63 3.64 32.63
N THR C 107 -21.16 2.42 32.68
CA THR C 107 -22.27 2.13 33.57
C THR C 107 -21.82 2.31 35.01
N PRO C 108 -22.58 3.05 35.83
CA PRO C 108 -22.15 3.31 37.21
C PRO C 108 -21.82 2.03 37.96
N GLY C 109 -20.64 2.02 38.58
CA GLY C 109 -20.13 0.85 39.26
C GLY C 109 -19.29 -0.07 38.40
N MET C 110 -19.07 0.27 37.12
CA MET C 110 -18.33 -0.59 36.21
C MET C 110 -17.26 0.18 35.43
N ARG C 111 -16.80 1.32 35.96
CA ARG C 111 -15.75 2.11 35.35
C ARG C 111 -14.43 1.83 36.10
N HIS C 112 -13.51 1.14 35.44
CA HIS C 112 -12.30 0.64 36.08
C HIS C 112 -11.07 1.31 35.48
N SER C 113 -9.93 1.03 36.11
CA SER C 113 -8.62 1.38 35.59
C SER C 113 -7.57 0.53 36.27
N LEU C 114 -6.52 0.21 35.53
CA LEU C 114 -5.39 -0.51 36.08
C LEU C 114 -4.48 0.47 36.80
N PRO C 115 -3.67 -0.01 37.75
CA PRO C 115 -3.15 0.88 38.80
C PRO C 115 -2.25 2.01 38.32
N ASN C 116 -1.59 1.88 37.18
CA ASN C 116 -0.57 2.85 36.76
C ASN C 116 -1.05 3.75 35.63
N SER C 117 -2.35 4.01 35.54
CA SER C 117 -2.88 4.87 34.51
C SER C 117 -2.85 6.34 34.94
N ARG C 118 -2.99 7.23 33.97
CA ARG C 118 -3.06 8.66 34.21
C ARG C 118 -4.30 9.21 33.51
N ILE C 119 -5.13 9.93 34.25
CA ILE C 119 -6.40 10.43 33.76
C ILE C 119 -6.37 11.95 33.77
N MET C 120 -6.74 12.56 32.65
CA MET C 120 -6.74 14.01 32.51
C MET C 120 -8.04 14.45 31.87
N ILE C 121 -8.69 15.44 32.47
CA ILE C 121 -9.91 16.02 31.93
C ILE C 121 -9.74 17.47 31.49
N HIS C 122 -8.60 18.08 31.78
CA HIS C 122 -8.25 19.37 31.16
C HIS C 122 -8.26 19.23 29.65
N GLN C 123 -9.16 19.96 29.00
CA GLN C 123 -9.37 19.81 27.57
C GLN C 123 -8.13 20.23 26.79
N PRO C 124 -8.00 19.81 25.50
CA PRO C 124 -6.73 20.05 24.78
C PRO C 124 -6.38 21.52 24.59
N SER C 125 -5.26 21.76 23.90
CA SER C 125 -4.66 23.08 23.78
C SER C 125 -4.25 23.60 25.16
N ALA C 132 -8.83 18.36 17.72
CA ALA C 132 -9.31 19.71 17.40
C ALA C 132 -10.73 19.67 16.88
N THR C 133 -10.94 20.22 15.69
CA THR C 133 -12.26 20.24 15.05
C THR C 133 -12.08 20.06 13.55
N ASP C 134 -13.10 19.46 12.92
CA ASP C 134 -13.05 19.23 11.48
C ASP C 134 -12.88 20.54 10.72
N ILE C 135 -13.57 21.60 11.15
CA ILE C 135 -13.66 22.83 10.38
C ILE C 135 -12.91 23.96 11.08
N ALA C 136 -13.34 25.20 10.82
CA ALA C 136 -12.72 26.39 11.39
C ALA C 136 -13.00 26.52 12.88
N ILE C 137 -14.24 26.89 13.22
CA ILE C 137 -14.83 27.08 14.55
C ILE C 137 -14.79 28.55 14.93
N GLN C 138 -15.80 29.00 15.67
CA GLN C 138 -15.91 30.36 16.17
C GLN C 138 -15.87 30.34 17.69
N ALA C 139 -15.61 31.53 18.26
CA ALA C 139 -15.46 31.62 19.71
C ALA C 139 -16.73 31.20 20.44
N GLU C 140 -17.89 31.53 19.89
CA GLU C 140 -19.15 31.14 20.52
C GLU C 140 -19.41 29.64 20.45
N GLU C 141 -18.76 28.94 19.52
CA GLU C 141 -19.15 27.56 19.24
C GLU C 141 -18.35 26.52 20.01
N ILE C 142 -17.07 26.77 20.31
CA ILE C 142 -16.37 25.80 21.15
C ILE C 142 -16.78 25.96 22.61
N MET C 143 -17.24 27.14 23.01
CA MET C 143 -17.80 27.28 24.34
C MET C 143 -19.07 26.45 24.48
N LYS C 144 -19.96 26.54 23.47
CA LYS C 144 -21.11 25.66 23.43
C LYS C 144 -20.70 24.21 23.54
N LEU C 145 -19.60 23.83 22.88
CA LEU C 145 -19.06 22.49 23.03
C LEU C 145 -18.49 22.29 24.43
N LYS C 146 -17.84 23.33 24.98
CA LYS C 146 -17.24 23.21 26.30
C LYS C 146 -18.30 23.04 27.39
N LYS C 147 -19.44 23.74 27.27
CA LYS C 147 -20.52 23.54 28.22
C LYS C 147 -21.17 22.16 28.05
N GLN C 148 -21.22 21.64 26.82
CA GLN C 148 -21.66 20.27 26.62
C GLN C 148 -20.74 19.29 27.32
N LEU C 149 -19.43 19.56 27.26
CA LEU C 149 -18.48 18.74 28.03
C LEU C 149 -18.63 18.98 29.52
N TYR C 150 -18.93 20.23 29.91
CA TYR C 150 -19.18 20.54 31.32
C TYR C 150 -20.32 19.69 31.88
N ASN C 151 -21.41 19.58 31.12
CA ASN C 151 -22.62 18.94 31.64
C ASN C 151 -22.48 17.43 31.71
N ILE C 152 -21.79 16.83 30.73
CA ILE C 152 -21.62 15.38 30.74
C ILE C 152 -20.71 14.96 31.91
N TYR C 153 -19.63 15.70 32.13
CA TYR C 153 -18.75 15.39 33.25
C TYR C 153 -19.48 15.54 34.58
N ALA C 154 -20.27 16.60 34.73
CA ALA C 154 -21.02 16.79 35.97
C ALA C 154 -22.11 15.74 36.15
N LYS C 155 -22.68 15.25 35.06
CA LYS C 155 -23.73 14.24 35.17
C LYS C 155 -23.18 12.90 35.64
N HIS C 156 -21.98 12.53 35.16
CA HIS C 156 -21.43 11.21 35.46
C HIS C 156 -20.52 11.21 36.68
N THR C 157 -19.80 12.30 36.93
CA THR C 157 -19.06 12.42 38.18
C THR C 157 -19.97 12.82 39.34
N LYS C 158 -21.17 13.30 39.04
CA LYS C 158 -22.10 13.82 40.04
C LYS C 158 -21.46 14.95 40.86
N GLN C 159 -20.59 15.71 40.24
CA GLN C 159 -20.00 16.90 40.82
C GLN C 159 -20.79 18.13 40.39
N SER C 160 -20.48 19.26 41.03
CA SER C 160 -21.11 20.52 40.66
C SER C 160 -20.46 21.07 39.39
N LEU C 161 -21.24 21.86 38.64
CA LEU C 161 -20.70 22.54 37.47
C LEU C 161 -19.52 23.43 37.86
N GLN C 162 -19.67 24.17 38.96
CA GLN C 162 -18.59 25.03 39.46
C GLN C 162 -17.30 24.25 39.63
N VAL C 163 -17.36 23.11 40.32
CA VAL C 163 -16.18 22.27 40.51
C VAL C 163 -15.69 21.74 39.17
N ILE C 164 -16.60 21.52 38.21
CA ILE C 164 -16.22 20.91 36.95
C ILE C 164 -15.42 21.88 36.08
N GLU C 165 -15.86 23.15 36.01
CA GLU C 165 -15.09 24.13 35.26
C GLU C 165 -13.77 24.45 35.95
N SER C 166 -13.74 24.38 37.28
CA SER C 166 -12.52 24.72 38.01
C SER C 166 -11.45 23.65 37.84
N ALA C 167 -11.85 22.38 37.93
CA ALA C 167 -10.88 21.29 37.80
C ALA C 167 -10.35 21.17 36.38
N MET C 168 -11.19 21.45 35.37
CA MET C 168 -10.74 21.41 33.98
C MET C 168 -9.84 22.57 33.60
N GLU C 169 -9.78 23.62 34.43
CA GLU C 169 -8.84 24.70 34.25
C GLU C 169 -7.42 24.31 34.63
N ARG C 170 -7.24 23.14 35.24
CA ARG C 170 -5.96 22.72 35.79
C ARG C 170 -5.25 21.79 34.81
N ASP C 171 -4.08 22.21 34.34
CA ASP C 171 -3.28 21.42 33.39
C ASP C 171 -2.48 20.38 34.17
N ARG C 172 -3.16 19.30 34.56
CA ARG C 172 -2.52 18.26 35.34
C ARG C 172 -3.26 16.93 35.14
N TYR C 173 -2.54 15.85 35.39
CA TYR C 173 -3.06 14.50 35.30
C TYR C 173 -3.47 13.98 36.67
N MET C 174 -4.38 13.02 36.69
CA MET C 174 -4.87 12.41 37.90
C MET C 174 -4.39 10.97 38.02
N SER C 175 -4.15 10.55 39.26
CA SER C 175 -3.91 9.13 39.53
C SER C 175 -5.23 8.37 39.40
N PRO C 176 -5.17 7.04 39.24
CA PRO C 176 -6.42 6.27 39.23
C PRO C 176 -7.22 6.41 40.51
N MET C 177 -6.56 6.63 41.64
CA MET C 177 -7.28 6.79 42.90
C MET C 177 -7.94 8.17 42.99
N GLU C 178 -7.21 9.22 42.62
CA GLU C 178 -7.75 10.58 42.70
C GLU C 178 -9.02 10.71 41.85
N ALA C 179 -8.98 10.18 40.63
CA ALA C 179 -10.15 10.28 39.76
C ALA C 179 -11.27 9.35 40.21
N GLN C 180 -10.97 8.36 41.05
CA GLN C 180 -12.04 7.56 41.65
C GLN C 180 -12.78 8.36 42.72
N GLU C 181 -12.04 9.05 43.58
CA GLU C 181 -12.67 9.95 44.55
C GLU C 181 -13.36 11.13 43.86
N PHE C 182 -12.93 11.49 42.66
CA PHE C 182 -13.53 12.61 41.95
C PHE C 182 -14.85 12.23 41.28
N GLY C 183 -15.03 10.96 40.94
CA GLY C 183 -16.24 10.48 40.29
C GLY C 183 -16.04 9.97 38.88
N ILE C 184 -14.84 10.12 38.31
CA ILE C 184 -14.58 9.61 36.97
C ILE C 184 -14.55 8.08 36.99
N LEU C 185 -14.02 7.50 38.06
CA LEU C 185 -13.79 6.07 38.17
C LEU C 185 -14.68 5.44 39.23
N ASP C 186 -14.58 4.11 39.31
CA ASP C 186 -15.33 3.34 40.30
C ASP C 186 -14.42 2.37 41.04
N LYS C 187 -13.41 1.83 40.35
CA LYS C 187 -12.54 0.83 40.96
C LYS C 187 -11.16 0.87 40.29
N VAL C 188 -10.14 0.60 41.10
CA VAL C 188 -8.77 0.43 40.64
C VAL C 188 -8.34 -0.98 41.00
N LEU C 189 -8.11 -1.81 39.99
CA LEU C 189 -7.86 -3.24 40.19
C LEU C 189 -6.42 -3.60 39.85
N VAL C 190 -5.84 -4.48 40.67
CA VAL C 190 -4.53 -5.05 40.41
C VAL C 190 -4.64 -6.42 39.75
N HIS C 191 -5.53 -7.26 40.26
CA HIS C 191 -5.78 -8.61 39.77
C HIS C 191 -7.28 -8.83 39.65
N PRO C 192 -7.71 -9.81 38.87
CA PRO C 192 -9.14 -10.14 38.80
C PRO C 192 -9.67 -10.53 40.17
N PRO C 193 -10.75 -9.88 40.63
CA PRO C 193 -11.29 -10.11 41.97
C PRO C 193 -12.13 -11.39 42.05
N LEU D 2 -7.36 -1.86 10.53
CA LEU D 2 -8.25 -2.68 9.72
C LEU D 2 -9.61 -2.84 10.40
N ILE D 3 -10.60 -3.26 9.64
CA ILE D 3 -11.99 -3.41 10.07
C ILE D 3 -12.18 -4.85 10.51
N PRO D 4 -12.89 -5.12 11.61
CA PRO D 4 -12.97 -6.48 12.12
C PRO D 4 -13.96 -7.34 11.34
N ILE D 5 -13.95 -8.63 11.65
CA ILE D 5 -14.77 -9.63 10.97
C ILE D 5 -15.81 -10.14 11.96
N VAL D 6 -17.08 -10.07 11.55
CA VAL D 6 -18.18 -10.61 12.34
C VAL D 6 -18.67 -11.89 11.67
N VAL D 7 -19.15 -12.82 12.48
CA VAL D 7 -19.57 -14.13 12.02
C VAL D 7 -21.07 -14.29 12.33
N GLU D 8 -21.82 -14.74 11.33
CA GLU D 8 -23.24 -14.99 11.51
C GLU D 8 -23.63 -16.38 11.01
N ALA D 16 -19.53 -14.87 7.43
CA ALA D 16 -18.39 -14.08 7.89
C ALA D 16 -18.23 -12.82 7.03
N TYR D 17 -18.65 -11.69 7.58
CA TYR D 17 -18.55 -10.39 6.93
C TYR D 17 -17.57 -9.51 7.69
N ASP D 18 -17.06 -8.48 6.99
CA ASP D 18 -16.50 -7.35 7.70
C ASP D 18 -17.65 -6.46 8.18
N ILE D 19 -17.43 -5.79 9.30
CA ILE D 19 -18.55 -5.12 9.98
C ILE D 19 -19.22 -4.09 9.07
N TYR D 20 -18.44 -3.42 8.21
CA TYR D 20 -19.04 -2.42 7.33
C TYR D 20 -19.89 -3.07 6.24
N SER D 21 -19.53 -4.28 5.81
CA SER D 21 -20.42 -5.04 4.94
C SER D 21 -21.61 -5.60 5.70
N ARG D 22 -21.51 -5.70 7.03
CA ARG D 22 -22.63 -6.16 7.83
C ARG D 22 -23.66 -5.05 8.04
N LEU D 23 -23.20 -3.81 8.23
CA LEU D 23 -24.13 -2.69 8.28
C LEU D 23 -24.91 -2.55 6.98
N LEU D 24 -24.29 -2.93 5.85
CA LEU D 24 -25.01 -2.98 4.57
C LEU D 24 -26.17 -3.96 4.63
N ARG D 25 -25.95 -5.13 5.22
CA ARG D 25 -27.02 -6.12 5.28
C ARG D 25 -28.16 -5.63 6.15
N GLU D 26 -27.88 -4.72 7.08
CA GLU D 26 -28.91 -4.06 7.87
C GLU D 26 -29.55 -2.88 7.15
N ARG D 27 -29.22 -2.69 5.86
CA ARG D 27 -29.74 -1.58 5.06
C ARG D 27 -29.32 -0.23 5.64
N ILE D 28 -28.06 -0.13 6.04
CA ILE D 28 -27.49 1.11 6.59
C ILE D 28 -26.43 1.61 5.63
N VAL D 29 -26.56 2.87 5.22
CA VAL D 29 -25.60 3.55 4.35
C VAL D 29 -24.92 4.62 5.17
N CYS D 30 -23.59 4.56 5.25
CA CYS D 30 -22.82 5.48 6.08
C CYS D 30 -22.30 6.65 5.25
N VAL D 31 -22.54 7.86 5.74
CA VAL D 31 -21.94 9.06 5.16
C VAL D 31 -21.04 9.69 6.21
N MET D 32 -19.89 9.08 6.45
CA MET D 32 -18.96 9.55 7.46
C MET D 32 -17.80 10.28 6.79
N GLY D 33 -17.44 11.45 7.32
CA GLY D 33 -16.32 12.20 6.83
C GLY D 33 -16.71 13.12 5.69
N PRO D 34 -15.71 13.71 5.04
CA PRO D 34 -16.00 14.65 3.95
C PRO D 34 -16.60 13.96 2.75
N ILE D 35 -17.32 14.75 1.95
CA ILE D 35 -18.05 14.24 0.79
C ILE D 35 -17.31 14.69 -0.47
N ASP D 36 -16.94 13.72 -1.31
CA ASP D 36 -16.36 14.00 -2.62
C ASP D 36 -17.02 13.06 -3.63
N ASP D 37 -16.53 13.09 -4.86
CA ASP D 37 -17.10 12.25 -5.90
C ASP D 37 -16.96 10.78 -5.59
N SER D 38 -15.89 10.39 -4.88
CA SER D 38 -15.70 8.99 -4.52
C SER D 38 -16.74 8.54 -3.49
N VAL D 39 -17.11 9.43 -2.57
CA VAL D 39 -18.12 9.07 -1.57
C VAL D 39 -19.50 9.01 -2.21
N ALA D 40 -19.81 9.95 -3.11
CA ALA D 40 -21.11 9.95 -3.76
C ALA D 40 -21.30 8.71 -4.62
N SER D 41 -20.25 8.29 -5.35
CA SER D 41 -20.34 7.07 -6.13
C SER D 41 -20.63 5.86 -5.25
N LEU D 42 -19.93 5.77 -4.12
CA LEU D 42 -20.16 4.64 -3.22
C LEU D 42 -21.54 4.71 -2.58
N VAL D 43 -21.98 5.91 -2.21
CA VAL D 43 -23.28 6.05 -1.55
C VAL D 43 -24.42 5.75 -2.51
N ILE D 44 -24.32 6.26 -3.74
CA ILE D 44 -25.39 6.05 -4.71
C ILE D 44 -25.54 4.57 -5.05
N ALA D 45 -24.41 3.86 -5.18
CA ALA D 45 -24.46 2.44 -5.51
C ALA D 45 -25.13 1.64 -4.40
N GLN D 46 -24.80 1.96 -3.15
CA GLN D 46 -25.42 1.29 -2.01
C GLN D 46 -26.92 1.58 -1.96
N LEU D 47 -27.31 2.81 -2.30
CA LEU D 47 -28.73 3.17 -2.34
C LEU D 47 -29.47 2.39 -3.42
N LEU D 48 -28.93 2.39 -4.64
CA LEU D 48 -29.58 1.69 -5.74
C LEU D 48 -29.59 0.18 -5.52
N PHE D 49 -28.58 -0.35 -4.85
CA PHE D 49 -28.57 -1.78 -4.54
C PHE D 49 -29.69 -2.13 -3.56
N LEU D 50 -29.96 -1.25 -2.59
CA LEU D 50 -30.99 -1.55 -1.60
C LEU D 50 -32.39 -1.39 -2.17
N GLN D 51 -32.56 -0.54 -3.19
CA GLN D 51 -33.85 -0.46 -3.86
C GLN D 51 -34.13 -1.72 -4.67
N SER D 52 -33.08 -2.35 -5.23
CA SER D 52 -33.26 -3.59 -5.95
C SER D 52 -33.61 -4.74 -5.01
N GLU D 53 -33.15 -4.68 -3.76
CA GLU D 53 -33.54 -5.68 -2.77
C GLU D 53 -35.02 -5.58 -2.47
N SER D 54 -35.47 -4.41 -2.02
CA SER D 54 -36.88 -4.16 -1.77
C SER D 54 -37.10 -2.66 -1.84
N ASN D 55 -38.02 -2.23 -2.71
CA ASN D 55 -38.33 -0.82 -2.84
C ASN D 55 -39.20 -0.30 -1.71
N LYS D 56 -39.55 -1.14 -0.74
CA LYS D 56 -40.45 -0.76 0.34
C LYS D 56 -39.80 -0.79 1.72
N LYS D 57 -38.81 -1.65 1.94
CA LYS D 57 -38.13 -1.67 3.23
C LYS D 57 -37.34 -0.38 3.42
N PRO D 58 -37.48 0.29 4.56
CA PRO D 58 -36.77 1.56 4.77
C PRO D 58 -35.26 1.40 4.70
N ILE D 59 -34.60 2.52 4.43
CA ILE D 59 -33.14 2.60 4.37
C ILE D 59 -32.67 3.60 5.41
N HIS D 60 -31.63 3.23 6.15
CA HIS D 60 -31.09 4.06 7.23
C HIS D 60 -29.76 4.66 6.78
N MET D 61 -29.59 5.96 7.02
CA MET D 61 -28.37 6.67 6.67
C MET D 61 -27.76 7.30 7.92
N TYR D 62 -26.46 7.10 8.10
CA TYR D 62 -25.72 7.63 9.23
C TYR D 62 -24.85 8.77 8.75
N ILE D 63 -25.12 9.98 9.24
CA ILE D 63 -24.45 11.19 8.79
C ILE D 63 -23.56 11.70 9.91
N ASN D 64 -22.24 11.63 9.69
CA ASN D 64 -21.24 12.28 10.54
C ASN D 64 -20.24 12.94 9.58
N SER D 65 -20.65 14.07 9.01
CA SER D 65 -19.88 14.68 7.93
C SER D 65 -19.71 16.17 8.16
N PRO D 66 -18.52 16.71 7.88
CA PRO D 66 -18.33 18.17 7.90
C PRO D 66 -18.78 18.85 6.62
N GLY D 67 -19.13 18.11 5.58
CA GLY D 67 -19.51 18.68 4.31
C GLY D 67 -18.62 18.19 3.18
N GLY D 68 -18.59 18.92 2.08
CA GLY D 68 -17.71 18.55 0.97
C GLY D 68 -18.19 19.16 -0.34
N VAL D 69 -17.82 18.49 -1.42
CA VAL D 69 -18.12 18.99 -2.76
C VAL D 69 -19.63 19.09 -2.94
N VAL D 70 -20.09 20.22 -3.50
CA VAL D 70 -21.51 20.49 -3.59
C VAL D 70 -22.16 19.57 -4.63
N THR D 71 -21.56 19.46 -5.81
CA THR D 71 -22.12 18.61 -6.85
C THR D 71 -22.15 17.14 -6.43
N ALA D 72 -21.18 16.73 -5.59
CA ALA D 72 -21.22 15.38 -5.06
C ALA D 72 -22.37 15.20 -4.07
N GLY D 73 -22.63 16.20 -3.24
CA GLY D 73 -23.75 16.14 -2.32
C GLY D 73 -25.09 16.21 -3.02
N LEU D 74 -25.13 16.84 -4.20
CA LEU D 74 -26.37 16.88 -4.96
C LEU D 74 -26.65 15.55 -5.66
N ALA D 75 -25.61 14.89 -6.14
CA ALA D 75 -25.79 13.57 -6.74
C ALA D 75 -26.33 12.58 -5.72
N ILE D 76 -25.89 12.68 -4.48
CA ILE D 76 -26.47 11.88 -3.41
C ILE D 76 -27.92 12.30 -3.15
N TYR D 77 -28.15 13.61 -3.08
CA TYR D 77 -29.50 14.11 -2.78
C TYR D 77 -30.47 13.78 -3.91
N ASP D 78 -30.01 13.83 -5.16
CA ASP D 78 -30.90 13.49 -6.27
C ASP D 78 -31.19 12.00 -6.31
N THR D 79 -30.27 11.17 -5.79
CA THR D 79 -30.47 9.74 -5.82
C THR D 79 -31.46 9.28 -4.76
N MET D 80 -31.44 9.91 -3.57
CA MET D 80 -32.43 9.56 -2.55
C MET D 80 -33.82 10.00 -2.95
N GLN D 81 -33.94 11.19 -3.55
CA GLN D 81 -35.22 11.62 -4.08
C GLN D 81 -35.64 10.79 -5.29
N TYR D 82 -34.69 10.15 -5.97
CA TYR D 82 -35.05 9.26 -7.07
C TYR D 82 -35.71 8.00 -6.56
N ILE D 83 -34.99 7.22 -5.75
CA ILE D 83 -35.55 5.96 -5.24
C ILE D 83 -36.80 6.25 -4.42
N LEU D 84 -37.68 5.27 -4.36
CA LEU D 84 -38.98 5.42 -3.71
C LEU D 84 -39.03 4.76 -2.34
N ASN D 85 -37.89 4.28 -1.83
CA ASN D 85 -37.86 3.72 -0.49
C ASN D 85 -38.06 4.82 0.55
N PRO D 86 -38.63 4.47 1.70
CA PRO D 86 -38.61 5.41 2.84
C PRO D 86 -37.21 5.50 3.40
N ILE D 87 -36.67 6.72 3.46
CA ILE D 87 -35.29 6.95 3.89
C ILE D 87 -35.30 7.67 5.22
N CYS D 88 -34.63 7.09 6.21
CA CYS D 88 -34.35 7.78 7.46
C CYS D 88 -33.00 8.47 7.37
N THR D 89 -32.82 9.47 8.22
CA THR D 89 -31.53 10.14 8.39
C THR D 89 -31.22 10.19 9.88
N TRP D 90 -29.96 9.95 10.22
CA TRP D 90 -29.51 9.95 11.61
C TRP D 90 -28.25 10.79 11.72
N CYS D 91 -28.34 11.90 12.44
CA CYS D 91 -27.21 12.80 12.63
C CYS D 91 -26.42 12.34 13.85
N VAL D 92 -25.20 11.89 13.63
CA VAL D 92 -24.31 11.43 14.69
C VAL D 92 -23.10 12.36 14.70
N GLY D 93 -22.83 12.97 15.85
CA GLY D 93 -21.70 13.87 15.96
C GLY D 93 -21.94 15.25 15.38
N GLN D 94 -22.04 15.34 14.05
CA GLN D 94 -22.16 16.64 13.39
C GLN D 94 -22.69 16.45 11.98
N ALA D 95 -23.50 17.41 11.53
CA ALA D 95 -23.96 17.48 10.15
C ALA D 95 -23.84 18.94 9.70
N ALA D 96 -22.79 19.22 8.92
CA ALA D 96 -22.47 20.59 8.52
C ALA D 96 -22.46 20.71 7.01
N SER D 97 -22.99 21.82 6.51
CA SER D 97 -22.97 22.20 5.09
C SER D 97 -23.69 21.12 4.31
N MET D 98 -23.01 20.38 3.42
CA MET D 98 -23.68 19.36 2.62
C MET D 98 -24.21 18.23 3.49
N GLY D 99 -23.59 17.99 4.64
CA GLY D 99 -24.06 16.92 5.51
C GLY D 99 -25.46 17.18 6.05
N SER D 100 -25.76 18.44 6.37
CA SER D 100 -27.08 18.77 6.91
C SER D 100 -28.14 18.87 5.83
N LEU D 101 -27.75 19.13 4.57
CA LEU D 101 -28.72 19.10 3.48
C LEU D 101 -29.24 17.68 3.27
N LEU D 102 -28.34 16.69 3.29
CA LEU D 102 -28.75 15.30 3.18
C LEU D 102 -29.55 14.87 4.41
N LEU D 103 -29.14 15.33 5.59
CA LEU D 103 -29.88 15.00 6.81
C LEU D 103 -31.32 15.49 6.74
N ALA D 104 -31.53 16.68 6.17
CA ALA D 104 -32.87 17.21 6.00
C ALA D 104 -33.63 16.55 4.86
N ALA D 105 -32.96 15.77 4.01
CA ALA D 105 -33.57 15.14 2.86
C ALA D 105 -34.21 13.80 3.17
N GLY D 106 -34.27 13.40 4.44
CA GLY D 106 -34.93 12.17 4.81
C GLY D 106 -36.43 12.26 4.64
N THR D 107 -37.08 11.10 4.70
CA THR D 107 -38.54 11.05 4.58
C THR D 107 -39.17 11.81 5.75
N PRO D 108 -40.15 12.67 5.48
CA PRO D 108 -40.75 13.47 6.57
C PRO D 108 -41.24 12.61 7.72
N GLY D 109 -40.84 12.97 8.93
CA GLY D 109 -41.15 12.19 10.12
C GLY D 109 -40.14 11.13 10.47
N MET D 110 -39.09 10.97 9.68
CA MET D 110 -38.09 9.92 9.91
C MET D 110 -36.67 10.47 9.92
N ARG D 111 -36.50 11.78 10.12
CA ARG D 111 -35.19 12.40 10.23
C ARG D 111 -34.87 12.60 11.71
N HIS D 112 -33.87 11.89 12.20
CA HIS D 112 -33.51 11.90 13.61
C HIS D 112 -32.13 12.51 13.81
N SER D 113 -31.83 12.77 15.08
CA SER D 113 -30.53 13.28 15.48
C SER D 113 -30.25 12.85 16.90
N LEU D 114 -29.00 12.53 17.18
CA LEU D 114 -28.63 12.18 18.54
C LEU D 114 -28.40 13.44 19.35
N PRO D 115 -28.65 13.40 20.67
CA PRO D 115 -28.85 14.66 21.41
C PRO D 115 -27.65 15.60 21.43
N ASN D 116 -26.43 15.08 21.45
CA ASN D 116 -25.23 15.91 21.59
C ASN D 116 -24.58 16.24 20.26
N SER D 117 -25.35 16.25 19.17
CA SER D 117 -24.81 16.55 17.86
C SER D 117 -24.89 18.05 17.57
N ARG D 118 -24.20 18.46 16.50
CA ARG D 118 -24.17 19.85 16.06
C ARG D 118 -24.59 19.90 14.59
N ILE D 119 -25.56 20.75 14.28
CA ILE D 119 -26.11 20.86 12.94
C ILE D 119 -25.83 22.25 12.41
N MET D 120 -25.25 22.32 11.22
CA MET D 120 -24.88 23.58 10.57
C MET D 120 -25.36 23.59 9.14
N ILE D 121 -25.92 24.71 8.71
CA ILE D 121 -26.34 24.88 7.33
C ILE D 121 -25.59 25.97 6.60
N HIS D 122 -24.91 26.88 7.30
CA HIS D 122 -24.09 27.89 6.66
C HIS D 122 -23.01 27.23 5.82
N GLN D 123 -22.77 27.78 4.62
CA GLN D 123 -21.84 27.08 3.74
C GLN D 123 -20.43 27.64 3.88
N PRO D 124 -19.42 26.78 3.86
CA PRO D 124 -18.03 27.27 3.93
C PRO D 124 -17.64 28.09 2.71
N SER D 125 -16.37 28.49 2.64
CA SER D 125 -15.91 29.34 1.57
C SER D 125 -14.79 28.66 0.77
N ALA D 132 -15.78 22.07 -1.99
CA ALA D 132 -16.81 22.37 -2.98
C ALA D 132 -16.21 22.58 -4.36
N THR D 133 -14.95 22.16 -4.52
CA THR D 133 -14.17 22.43 -5.72
C THR D 133 -13.85 21.14 -6.45
N ASP D 134 -14.34 21.03 -7.69
CA ASP D 134 -13.78 20.14 -8.68
C ASP D 134 -12.91 20.90 -9.67
N ILE D 135 -13.40 22.04 -10.16
CA ILE D 135 -12.59 23.04 -10.83
C ILE D 135 -12.92 24.38 -10.18
N ALA D 136 -12.12 25.40 -10.52
CA ALA D 136 -12.46 26.76 -10.15
C ALA D 136 -13.57 27.26 -11.07
N ILE D 137 -14.65 27.77 -10.47
CA ILE D 137 -15.83 28.17 -11.22
C ILE D 137 -15.96 29.69 -11.19
N GLN D 138 -16.92 30.20 -11.96
CA GLN D 138 -17.15 31.63 -12.06
C GLN D 138 -18.07 32.10 -10.95
N ALA D 139 -18.30 33.42 -10.90
CA ALA D 139 -19.06 34.01 -9.80
C ALA D 139 -20.54 33.67 -9.91
N GLU D 140 -21.12 33.80 -11.10
CA GLU D 140 -22.52 33.45 -11.28
C GLU D 140 -22.75 31.95 -11.10
N GLU D 141 -21.71 31.13 -11.30
CA GLU D 141 -21.86 29.70 -11.15
C GLU D 141 -21.88 29.26 -9.69
N ILE D 142 -21.27 30.04 -8.80
CA ILE D 142 -21.42 29.76 -7.37
C ILE D 142 -22.71 30.35 -6.82
N MET D 143 -23.27 31.37 -7.49
CA MET D 143 -24.59 31.86 -7.13
C MET D 143 -25.69 30.93 -7.64
N LYS D 144 -25.52 30.39 -8.84
CA LYS D 144 -26.46 29.39 -9.34
C LYS D 144 -26.47 28.16 -8.45
N LEU D 145 -25.31 27.77 -7.92
CA LEU D 145 -25.24 26.60 -7.06
C LEU D 145 -25.82 26.89 -5.69
N LYS D 146 -25.59 28.10 -5.16
CA LYS D 146 -26.14 28.45 -3.86
C LYS D 146 -27.66 28.57 -3.91
N LYS D 147 -28.21 29.05 -5.03
CA LYS D 147 -29.66 29.13 -5.17
C LYS D 147 -30.28 27.74 -5.16
N GLN D 148 -29.57 26.73 -5.67
CA GLN D 148 -30.06 25.36 -5.55
C GLN D 148 -30.13 24.92 -4.10
N LEU D 149 -29.10 25.27 -3.31
CA LEU D 149 -29.11 24.94 -1.89
C LEU D 149 -30.25 25.67 -1.17
N TYR D 150 -30.53 26.91 -1.59
CA TYR D 150 -31.64 27.65 -1.01
C TYR D 150 -32.96 26.91 -1.22
N ASN D 151 -33.24 26.53 -2.47
CA ASN D 151 -34.53 25.92 -2.79
C ASN D 151 -34.67 24.53 -2.16
N ILE D 152 -33.58 23.75 -2.15
CA ILE D 152 -33.63 22.41 -1.56
C ILE D 152 -33.88 22.51 -0.07
N TYR D 153 -33.22 23.45 0.61
CA TYR D 153 -33.43 23.62 2.04
C TYR D 153 -34.85 24.07 2.34
N ALA D 154 -35.34 25.06 1.59
CA ALA D 154 -36.69 25.56 1.83
C ALA D 154 -37.75 24.52 1.51
N LYS D 155 -37.46 23.59 0.59
CA LYS D 155 -38.45 22.58 0.24
C LYS D 155 -38.61 21.52 1.32
N HIS D 156 -37.54 21.21 2.04
CA HIS D 156 -37.59 20.17 3.07
C HIS D 156 -37.78 20.71 4.48
N THR D 157 -37.41 21.97 4.73
CA THR D 157 -37.68 22.60 6.02
C THR D 157 -39.02 23.31 6.05
N LYS D 158 -39.68 23.46 4.90
CA LYS D 158 -40.95 24.16 4.77
C LYS D 158 -40.85 25.62 5.21
N GLN D 159 -39.65 26.17 5.18
CA GLN D 159 -39.42 27.57 5.53
C GLN D 159 -39.47 28.43 4.28
N SER D 160 -39.68 29.73 4.49
CA SER D 160 -39.66 30.66 3.37
C SER D 160 -38.23 30.80 2.85
N LEU D 161 -38.12 31.17 1.57
CA LEU D 161 -36.80 31.34 0.96
C LEU D 161 -36.01 32.44 1.65
N GLN D 162 -36.68 33.47 2.14
CA GLN D 162 -35.98 34.55 2.84
C GLN D 162 -35.40 34.06 4.16
N VAL D 163 -36.15 33.23 4.89
CA VAL D 163 -35.65 32.69 6.16
C VAL D 163 -34.42 31.81 5.91
N ILE D 164 -34.40 31.10 4.79
CA ILE D 164 -33.24 30.26 4.47
C ILE D 164 -32.01 31.12 4.22
N GLU D 165 -32.17 32.20 3.45
CA GLU D 165 -31.02 33.05 3.12
C GLU D 165 -30.47 33.73 4.37
N SER D 166 -31.33 34.08 5.32
CA SER D 166 -30.87 34.71 6.55
C SER D 166 -30.10 33.73 7.42
N ALA D 167 -30.73 32.58 7.73
CA ALA D 167 -30.11 31.60 8.62
C ALA D 167 -28.81 31.06 8.06
N MET D 168 -28.73 30.91 6.73
CA MET D 168 -27.49 30.40 6.13
C MET D 168 -26.38 31.42 6.12
N GLU D 169 -26.70 32.70 6.34
CA GLU D 169 -25.69 33.74 6.45
C GLU D 169 -25.02 33.77 7.81
N ARG D 170 -25.55 33.07 8.80
CA ARG D 170 -25.01 33.06 10.15
C ARG D 170 -24.02 31.91 10.30
N ASP D 171 -22.76 32.25 10.62
CA ASP D 171 -21.71 31.27 10.83
C ASP D 171 -21.85 30.69 12.24
N ARG D 172 -22.82 29.79 12.39
CA ARG D 172 -23.11 29.24 13.71
C ARG D 172 -23.62 27.81 13.57
N TYR D 173 -23.64 27.11 14.70
CA TYR D 173 -24.11 25.74 14.79
C TYR D 173 -25.42 25.68 15.56
N MET D 174 -26.26 24.72 15.20
CA MET D 174 -27.57 24.55 15.82
C MET D 174 -27.54 23.36 16.79
N SER D 175 -28.38 23.46 17.82
CA SER D 175 -28.69 22.31 18.64
C SER D 175 -29.63 21.38 17.87
N PRO D 176 -29.61 20.08 18.16
CA PRO D 176 -30.62 19.20 17.57
C PRO D 176 -32.03 19.59 17.95
N MET D 177 -32.21 20.18 19.14
CA MET D 177 -33.51 20.71 19.54
C MET D 177 -33.91 21.90 18.66
N GLU D 178 -32.97 22.82 18.41
CA GLU D 178 -33.26 23.95 17.56
C GLU D 178 -33.51 23.52 16.12
N ALA D 179 -32.73 22.57 15.64
CA ALA D 179 -32.91 22.09 14.27
C ALA D 179 -34.24 21.38 14.07
N GLN D 180 -34.88 20.93 15.16
CA GLN D 180 -36.19 20.28 15.03
C GLN D 180 -37.27 21.30 14.68
N GLU D 181 -37.36 22.39 15.44
CA GLU D 181 -38.36 23.41 15.17
C GLU D 181 -38.00 24.29 13.98
N PHE D 182 -36.77 24.19 13.47
CA PHE D 182 -36.43 24.86 12.23
C PHE D 182 -36.86 24.05 11.01
N GLY D 183 -36.94 22.73 11.15
CA GLY D 183 -37.40 21.86 10.09
C GLY D 183 -36.35 20.92 9.53
N ILE D 184 -35.12 20.96 10.04
CA ILE D 184 -34.05 20.13 9.47
C ILE D 184 -34.26 18.67 9.84
N LEU D 185 -34.71 18.40 11.07
CA LEU D 185 -34.97 17.04 11.52
C LEU D 185 -36.34 16.99 12.18
N ASP D 186 -36.72 15.80 12.64
CA ASP D 186 -38.02 15.58 13.25
C ASP D 186 -37.95 15.10 14.69
N LYS D 187 -37.01 14.23 15.02
CA LYS D 187 -36.95 13.61 16.34
C LYS D 187 -35.56 13.73 16.92
N VAL D 188 -35.49 14.09 18.20
CA VAL D 188 -34.25 14.06 18.97
C VAL D 188 -34.46 13.08 20.12
N LEU D 189 -33.88 11.90 20.00
CA LEU D 189 -34.07 10.83 20.97
C LEU D 189 -32.74 10.47 21.62
N VAL D 190 -32.83 9.95 22.85
CA VAL D 190 -31.69 9.41 23.56
C VAL D 190 -31.65 7.89 23.46
N HIS D 191 -32.81 7.25 23.55
CA HIS D 191 -32.95 5.80 23.49
C HIS D 191 -34.01 5.45 22.45
N PRO D 192 -34.05 4.18 21.99
CA PRO D 192 -35.08 3.77 21.03
C PRO D 192 -36.49 3.95 21.57
N LEU E 2 -12.60 1.44 1.87
CA LEU E 2 -13.02 0.05 1.82
C LEU E 2 -14.34 -0.11 1.07
N ILE E 3 -14.35 -0.96 0.06
CA ILE E 3 -15.52 -1.18 -0.77
C ILE E 3 -16.34 -2.32 -0.17
N PRO E 4 -17.63 -2.11 0.11
CA PRO E 4 -18.44 -3.16 0.75
C PRO E 4 -18.67 -4.33 -0.19
N ILE E 5 -19.13 -5.43 0.40
CA ILE E 5 -19.32 -6.70 -0.29
C ILE E 5 -20.78 -7.13 -0.12
N VAL E 6 -21.41 -7.53 -1.22
CA VAL E 6 -22.79 -7.97 -1.20
C VAL E 6 -22.85 -9.45 -1.57
N VAL E 7 -23.93 -10.10 -1.14
CA VAL E 7 -24.13 -11.53 -1.40
C VAL E 7 -25.39 -11.76 -2.22
N ALA E 16 -20.34 -13.90 -3.72
CA ALA E 16 -19.78 -12.79 -2.97
C ALA E 16 -19.17 -11.74 -3.90
N TYR E 17 -19.87 -10.63 -4.08
CA TYR E 17 -19.45 -9.54 -4.95
C TYR E 17 -19.05 -8.33 -4.13
N ASP E 18 -18.21 -7.50 -4.71
CA ASP E 18 -18.06 -6.12 -4.25
C ASP E 18 -19.00 -5.24 -5.06
N ILE E 19 -19.47 -4.16 -4.42
CA ILE E 19 -20.62 -3.43 -4.94
C ILE E 19 -20.39 -2.93 -6.37
N TYR E 20 -19.14 -2.63 -6.72
CA TYR E 20 -18.87 -2.17 -8.09
C TYR E 20 -18.85 -3.31 -9.09
N SER E 21 -18.55 -4.53 -8.64
CA SER E 21 -18.69 -5.68 -9.52
C SER E 21 -20.15 -6.02 -9.78
N ARG E 22 -21.02 -5.81 -8.79
CA ARG E 22 -22.44 -6.03 -9.00
C ARG E 22 -23.06 -4.95 -9.88
N LEU E 23 -22.48 -3.75 -9.87
CA LEU E 23 -22.89 -2.72 -10.82
C LEU E 23 -22.64 -3.17 -12.25
N LEU E 24 -21.51 -3.84 -12.48
CA LEU E 24 -21.23 -4.38 -13.80
C LEU E 24 -22.21 -5.51 -14.16
N ARG E 25 -22.70 -6.24 -13.15
CA ARG E 25 -23.70 -7.26 -13.42
C ARG E 25 -25.04 -6.65 -13.81
N GLU E 26 -25.31 -5.43 -13.36
CA GLU E 26 -26.48 -4.67 -13.79
C GLU E 26 -26.31 -4.08 -15.18
N ARG E 27 -25.21 -4.40 -15.87
CA ARG E 27 -24.86 -3.79 -17.15
C ARG E 27 -24.67 -2.28 -17.01
N ILE E 28 -24.11 -1.86 -15.87
CA ILE E 28 -23.87 -0.45 -15.57
C ILE E 28 -22.37 -0.21 -15.58
N VAL E 29 -21.93 0.76 -16.38
CA VAL E 29 -20.54 1.19 -16.41
C VAL E 29 -20.45 2.54 -15.71
N CYS E 30 -19.62 2.63 -14.68
CA CYS E 30 -19.51 3.82 -13.86
C CYS E 30 -18.34 4.68 -14.34
N VAL E 31 -18.61 5.94 -14.65
CA VAL E 31 -17.58 6.88 -15.05
C VAL E 31 -17.65 8.10 -14.13
N MET E 32 -17.06 7.98 -12.95
CA MET E 32 -17.02 9.05 -11.97
C MET E 32 -15.60 9.58 -11.85
N GLY E 33 -15.45 10.90 -11.91
CA GLY E 33 -14.16 11.52 -11.66
C GLY E 33 -13.42 11.92 -12.93
N PRO E 34 -12.20 12.42 -12.77
CA PRO E 34 -11.42 12.85 -13.94
C PRO E 34 -11.05 11.67 -14.83
N ILE E 35 -11.01 11.94 -16.14
CA ILE E 35 -10.80 10.91 -17.15
C ILE E 35 -9.35 10.92 -17.58
N ASP E 36 -8.66 9.79 -17.37
CA ASP E 36 -7.29 9.63 -17.87
C ASP E 36 -7.18 8.31 -18.62
N ASP E 37 -5.95 7.90 -18.96
CA ASP E 37 -5.77 6.68 -19.74
C ASP E 37 -6.13 5.44 -18.93
N SER E 38 -6.00 5.50 -17.60
CA SER E 38 -6.40 4.37 -16.77
C SER E 38 -7.92 4.23 -16.72
N VAL E 39 -8.63 5.35 -16.57
CA VAL E 39 -10.08 5.32 -16.58
C VAL E 39 -10.59 4.90 -17.95
N ALA E 40 -9.93 5.35 -19.01
CA ALA E 40 -10.34 4.97 -20.37
C ALA E 40 -10.14 3.47 -20.59
N SER E 41 -9.04 2.91 -20.09
CA SER E 41 -8.79 1.48 -20.25
C SER E 41 -9.85 0.65 -19.55
N LEU E 42 -10.20 1.03 -18.31
CA LEU E 42 -11.19 0.27 -17.55
C LEU E 42 -12.57 0.39 -18.18
N VAL E 43 -12.97 1.59 -18.58
CA VAL E 43 -14.30 1.79 -19.16
C VAL E 43 -14.43 1.02 -20.46
N ILE E 44 -13.40 1.10 -21.31
CA ILE E 44 -13.43 0.40 -22.59
C ILE E 44 -13.51 -1.11 -22.37
N ALA E 45 -12.82 -1.60 -21.33
CA ALA E 45 -12.82 -3.03 -21.05
C ALA E 45 -14.21 -3.52 -20.65
N GLN E 46 -14.94 -2.73 -19.88
CA GLN E 46 -16.27 -3.16 -19.44
C GLN E 46 -17.28 -3.06 -20.59
N LEU E 47 -17.15 -2.04 -21.44
CA LEU E 47 -18.06 -1.92 -22.58
C LEU E 47 -17.94 -3.11 -23.52
N LEU E 48 -16.71 -3.55 -23.79
CA LEU E 48 -16.52 -4.70 -24.66
C LEU E 48 -16.94 -6.00 -23.98
N PHE E 49 -16.82 -6.07 -22.65
CA PHE E 49 -17.29 -7.27 -21.95
C PHE E 49 -18.81 -7.33 -21.96
N LEU E 50 -19.48 -6.21 -21.69
CA LEU E 50 -20.93 -6.19 -21.70
C LEU E 50 -21.49 -6.50 -23.08
N GLN E 51 -20.73 -6.20 -24.14
CA GLN E 51 -21.11 -6.63 -25.48
C GLN E 51 -20.93 -8.12 -25.66
N SER E 52 -19.96 -8.72 -24.95
CA SER E 52 -19.69 -10.14 -25.11
C SER E 52 -20.82 -11.01 -24.59
N GLU E 53 -21.47 -10.58 -23.50
CA GLU E 53 -22.55 -11.37 -22.92
C GLU E 53 -23.85 -11.20 -23.70
N SER E 54 -24.02 -10.07 -24.39
CA SER E 54 -25.15 -9.83 -25.25
C SER E 54 -24.92 -8.56 -26.07
N ASN E 55 -25.11 -8.64 -27.39
CA ASN E 55 -24.84 -7.51 -28.27
C ASN E 55 -26.06 -6.62 -28.48
N LYS E 56 -27.21 -6.96 -27.89
CA LYS E 56 -28.43 -6.19 -28.08
C LYS E 56 -29.03 -5.62 -26.81
N LYS E 57 -28.70 -6.18 -25.64
CA LYS E 57 -29.24 -5.64 -24.40
C LYS E 57 -28.58 -4.30 -24.07
N PRO E 58 -29.34 -3.31 -23.60
CA PRO E 58 -28.76 -1.99 -23.37
C PRO E 58 -27.71 -1.99 -22.26
N ILE E 59 -26.81 -1.02 -22.33
CA ILE E 59 -25.77 -0.78 -21.35
C ILE E 59 -26.02 0.60 -20.74
N HIS E 60 -25.81 0.71 -19.42
CA HIS E 60 -26.04 1.95 -18.70
C HIS E 60 -24.72 2.59 -18.29
N MET E 61 -24.59 3.88 -18.54
CA MET E 61 -23.38 4.64 -18.23
C MET E 61 -23.71 5.71 -17.21
N TYR E 62 -22.95 5.76 -16.12
CA TYR E 62 -23.14 6.72 -15.05
C TYR E 62 -22.02 7.77 -15.12
N ILE E 63 -22.41 9.03 -15.30
CA ILE E 63 -21.46 10.10 -15.58
C ILE E 63 -21.55 11.15 -14.48
N ASN E 64 -20.48 11.28 -13.69
CA ASN E 64 -20.25 12.41 -12.76
C ASN E 64 -18.78 12.77 -12.93
N SER E 65 -18.48 13.55 -13.96
CA SER E 65 -17.11 13.79 -14.35
C SER E 65 -16.83 15.29 -14.52
N PRO E 66 -15.66 15.75 -14.08
CA PRO E 66 -15.24 17.13 -14.35
C PRO E 66 -14.45 17.31 -15.64
N GLY E 67 -14.22 16.24 -16.40
CA GLY E 67 -13.43 16.31 -17.62
C GLY E 67 -12.24 15.37 -17.56
N GLY E 68 -11.19 15.73 -18.28
CA GLY E 68 -9.96 14.98 -18.24
C GLY E 68 -9.26 14.98 -19.59
N VAL E 69 -8.36 14.01 -19.74
CA VAL E 69 -7.55 13.91 -20.95
C VAL E 69 -8.45 13.74 -22.16
N VAL E 70 -8.19 14.54 -23.20
CA VAL E 70 -9.07 14.56 -24.37
C VAL E 70 -8.97 13.26 -25.15
N THR E 71 -7.74 12.78 -25.38
CA THR E 71 -7.56 11.55 -26.15
C THR E 71 -8.17 10.35 -25.43
N ALA E 72 -8.13 10.35 -24.09
CA ALA E 72 -8.77 9.28 -23.33
C ALA E 72 -10.29 9.38 -23.43
N GLY E 73 -10.82 10.60 -23.40
CA GLY E 73 -12.26 10.77 -23.55
C GLY E 73 -12.76 10.41 -24.93
N LEU E 74 -11.95 10.67 -25.97
CA LEU E 74 -12.30 10.24 -27.31
C LEU E 74 -12.15 8.73 -27.46
N ALA E 75 -11.22 8.13 -26.72
CA ALA E 75 -11.07 6.68 -26.74
C ALA E 75 -12.34 5.99 -26.26
N ILE E 76 -12.96 6.53 -25.21
CA ILE E 76 -14.24 5.99 -24.73
C ILE E 76 -15.32 6.21 -25.78
N TYR E 77 -15.44 7.45 -26.28
CA TYR E 77 -16.50 7.79 -27.22
C TYR E 77 -16.48 6.87 -28.43
N ASP E 78 -15.31 6.67 -29.03
CA ASP E 78 -15.20 5.79 -30.19
C ASP E 78 -15.68 4.38 -29.85
N THR E 79 -15.37 3.91 -28.65
CA THR E 79 -15.81 2.57 -28.24
C THR E 79 -17.31 2.54 -27.97
N MET E 80 -17.88 3.63 -27.45
CA MET E 80 -19.33 3.70 -27.33
C MET E 80 -20.00 3.65 -28.71
N GLN E 81 -19.37 4.23 -29.72
CA GLN E 81 -19.89 4.15 -31.08
C GLN E 81 -19.59 2.81 -31.73
N TYR E 82 -18.56 2.09 -31.27
CA TYR E 82 -18.18 0.84 -31.90
C TYR E 82 -19.13 -0.29 -31.53
N ILE E 83 -19.49 -0.39 -30.25
CA ILE E 83 -20.32 -1.51 -29.81
C ILE E 83 -21.74 -1.36 -30.37
N LEU E 84 -22.42 -2.49 -30.49
CA LEU E 84 -23.76 -2.54 -31.06
C LEU E 84 -24.86 -2.32 -30.03
N ASN E 85 -24.53 -2.31 -28.75
CA ASN E 85 -25.56 -2.16 -27.73
C ASN E 85 -26.07 -0.72 -27.70
N PRO E 86 -27.36 -0.52 -27.45
CA PRO E 86 -27.85 0.85 -27.19
C PRO E 86 -27.42 1.28 -25.79
N ILE E 87 -26.92 2.51 -25.70
CA ILE E 87 -26.30 3.00 -24.47
C ILE E 87 -27.17 4.08 -23.87
N CYS E 88 -27.59 3.88 -22.62
CA CYS E 88 -28.20 4.94 -21.82
C CYS E 88 -27.11 5.67 -21.04
N THR E 89 -27.08 6.99 -21.17
CA THR E 89 -26.21 7.82 -20.36
C THR E 89 -27.02 8.51 -19.27
N TRP E 90 -26.42 8.64 -18.10
CA TRP E 90 -27.06 9.26 -16.94
C TRP E 90 -26.09 10.26 -16.33
N CYS E 91 -26.60 11.43 -15.99
CA CYS E 91 -25.82 12.50 -15.38
C CYS E 91 -26.29 12.71 -13.95
N VAL E 92 -25.37 12.57 -13.00
CA VAL E 92 -25.61 12.86 -11.60
C VAL E 92 -24.47 13.74 -11.10
N GLY E 93 -24.81 14.82 -10.41
CA GLY E 93 -23.78 15.73 -9.96
C GLY E 93 -23.33 16.72 -11.03
N GLN E 94 -22.52 16.26 -11.97
CA GLN E 94 -22.03 17.14 -13.03
C GLN E 94 -21.51 16.31 -14.19
N ALA E 95 -21.43 16.97 -15.35
CA ALA E 95 -20.80 16.39 -16.54
C ALA E 95 -20.17 17.55 -17.30
N ALA E 96 -18.85 17.68 -17.19
CA ALA E 96 -18.13 18.84 -17.70
C ALA E 96 -17.02 18.40 -18.65
N SER E 97 -16.79 19.20 -19.69
CA SER E 97 -15.74 18.98 -20.69
C SER E 97 -15.96 17.62 -21.32
N MET E 98 -15.03 16.66 -21.19
CA MET E 98 -15.22 15.35 -21.79
C MET E 98 -16.45 14.64 -21.22
N GLY E 99 -16.79 14.91 -19.97
CA GLY E 99 -17.93 14.24 -19.34
C GLY E 99 -19.24 14.57 -20.02
N SER E 100 -19.41 15.81 -20.45
CA SER E 100 -20.63 16.19 -21.15
C SER E 100 -20.66 15.65 -22.57
N LEU E 101 -19.49 15.45 -23.19
CA LEU E 101 -19.45 14.88 -24.53
C LEU E 101 -19.89 13.43 -24.52
N LEU E 102 -19.42 12.64 -23.53
CA LEU E 102 -19.90 11.28 -23.38
C LEU E 102 -21.39 11.25 -23.05
N LEU E 103 -21.84 12.21 -22.23
CA LEU E 103 -23.26 12.32 -21.91
C LEU E 103 -24.08 12.57 -23.17
N ALA E 104 -23.58 13.42 -24.07
CA ALA E 104 -24.29 13.70 -25.31
C ALA E 104 -24.21 12.57 -26.31
N ALA E 105 -23.29 11.63 -26.14
CA ALA E 105 -23.04 10.58 -27.11
C ALA E 105 -23.84 9.32 -26.86
N GLY E 106 -24.82 9.36 -25.96
CA GLY E 106 -25.67 8.21 -25.74
C GLY E 106 -26.64 7.98 -26.90
N THR E 107 -27.37 6.88 -26.80
CA THR E 107 -28.33 6.53 -27.83
C THR E 107 -29.41 7.61 -27.91
N PRO E 108 -29.73 8.10 -29.12
CA PRO E 108 -30.76 9.14 -29.25
C PRO E 108 -32.06 8.77 -28.57
N GLY E 109 -32.49 9.62 -27.62
CA GLY E 109 -33.69 9.35 -26.84
C GLY E 109 -33.45 8.59 -25.55
N MET E 110 -32.20 8.28 -25.21
CA MET E 110 -31.87 7.53 -24.01
C MET E 110 -30.81 8.23 -23.17
N ARG E 111 -30.62 9.53 -23.36
CA ARG E 111 -29.67 10.32 -22.58
C ARG E 111 -30.43 11.09 -21.51
N HIS E 112 -30.15 10.80 -20.25
CA HIS E 112 -30.91 11.32 -19.12
C HIS E 112 -30.04 12.18 -18.22
N SER E 113 -30.70 12.87 -17.29
CA SER E 113 -30.03 13.63 -16.25
C SER E 113 -30.99 13.82 -15.09
N LEU E 114 -30.45 13.78 -13.88
CA LEU E 114 -31.24 14.04 -12.68
C LEU E 114 -31.39 15.55 -12.48
N PRO E 115 -32.42 15.98 -11.75
CA PRO E 115 -32.81 17.41 -11.83
C PRO E 115 -31.77 18.39 -11.31
N ASN E 116 -30.91 17.99 -10.36
CA ASN E 116 -29.96 18.90 -9.76
C ASN E 116 -28.56 18.78 -10.36
N SER E 117 -28.46 18.29 -11.60
CA SER E 117 -27.16 18.14 -12.23
C SER E 117 -26.70 19.46 -12.85
N ARG E 118 -25.43 19.49 -13.25
CA ARG E 118 -24.81 20.67 -13.82
C ARG E 118 -23.96 20.25 -15.00
N ILE E 119 -24.27 20.77 -16.19
CA ILE E 119 -23.68 20.30 -17.43
C ILE E 119 -22.94 21.46 -18.10
N MET E 120 -21.65 21.29 -18.32
CA MET E 120 -20.82 22.26 -19.01
C MET E 120 -20.11 21.61 -20.19
N ILE E 121 -20.09 22.32 -21.32
CA ILE E 121 -19.35 21.87 -22.49
C ILE E 121 -18.11 22.71 -22.75
N HIS E 122 -17.91 23.80 -22.02
CA HIS E 122 -16.72 24.62 -22.17
C HIS E 122 -15.47 23.82 -21.79
N GLN E 123 -14.40 24.02 -22.56
CA GLN E 123 -13.21 23.23 -22.28
C GLN E 123 -12.24 23.98 -21.38
N PRO E 124 -11.55 23.28 -20.48
CA PRO E 124 -10.68 23.97 -19.53
C PRO E 124 -9.42 24.50 -20.19
N SER E 125 -8.87 25.55 -19.60
CA SER E 125 -7.67 26.19 -20.14
C SER E 125 -6.41 25.41 -19.78
N ALA E 132 -5.25 16.98 -18.19
CA ALA E 132 -4.77 17.75 -19.33
C ALA E 132 -4.57 16.84 -20.54
N THR E 133 -3.32 16.51 -20.83
CA THR E 133 -2.98 15.62 -21.93
C THR E 133 -1.56 15.11 -21.70
N ASP E 134 -1.31 13.87 -22.12
CA ASP E 134 -0.11 13.15 -21.71
C ASP E 134 1.17 13.90 -22.11
N ILE E 135 1.24 14.41 -23.33
CA ILE E 135 2.40 15.16 -23.80
C ILE E 135 1.99 16.62 -23.96
N ALA E 136 2.99 17.50 -23.88
CA ALA E 136 2.79 18.88 -24.32
C ALA E 136 2.86 18.90 -25.85
N ILE E 137 1.89 19.57 -26.48
CA ILE E 137 1.73 19.53 -27.92
C ILE E 137 1.74 20.96 -28.46
N GLN E 138 1.59 21.07 -29.78
CA GLN E 138 1.72 22.34 -30.48
C GLN E 138 0.37 23.03 -30.64
N ALA E 139 0.41 24.24 -31.20
CA ALA E 139 -0.80 25.04 -31.37
C ALA E 139 -1.76 24.39 -32.36
N GLU E 140 -1.24 23.97 -33.50
CA GLU E 140 -2.09 23.40 -34.54
C GLU E 140 -2.69 22.07 -34.14
N GLU E 141 -2.11 21.39 -33.16
CA GLU E 141 -2.69 20.14 -32.68
C GLU E 141 -3.80 20.39 -31.67
N ILE E 142 -3.61 21.37 -30.78
CA ILE E 142 -4.64 21.69 -29.80
C ILE E 142 -5.92 22.16 -30.50
N MET E 143 -5.78 22.95 -31.56
CA MET E 143 -6.94 23.42 -32.31
C MET E 143 -7.52 22.32 -33.20
N LYS E 144 -6.67 21.43 -33.73
CA LYS E 144 -7.18 20.29 -34.48
C LYS E 144 -8.05 19.40 -33.58
N LEU E 145 -7.66 19.27 -32.31
CA LEU E 145 -8.47 18.50 -31.36
C LEU E 145 -9.79 19.21 -31.08
N LYS E 146 -9.77 20.54 -31.02
CA LYS E 146 -11.00 21.29 -30.74
C LYS E 146 -12.02 21.12 -31.86
N LYS E 147 -11.55 21.03 -33.11
CA LYS E 147 -12.46 20.78 -34.22
C LYS E 147 -13.07 19.40 -34.13
N GLN E 148 -12.32 18.42 -33.61
CA GLN E 148 -12.88 17.09 -33.38
C GLN E 148 -14.04 17.16 -32.38
N LEU E 149 -13.88 17.98 -31.33
CA LEU E 149 -14.98 18.18 -30.38
C LEU E 149 -16.13 18.93 -31.02
N TYR E 150 -15.82 19.90 -31.89
CA TYR E 150 -16.86 20.65 -32.59
C TYR E 150 -17.77 19.72 -33.37
N ASN E 151 -17.19 18.71 -34.02
CA ASN E 151 -18.00 17.83 -34.87
C ASN E 151 -18.84 16.86 -34.05
N ILE E 152 -18.28 16.36 -32.95
CA ILE E 152 -19.03 15.41 -32.12
C ILE E 152 -20.19 16.10 -31.42
N TYR E 153 -19.96 17.29 -30.87
CA TYR E 153 -21.04 18.02 -30.21
C TYR E 153 -22.14 18.40 -31.20
N ALA E 154 -21.76 18.86 -32.39
CA ALA E 154 -22.75 19.18 -33.40
C ALA E 154 -23.48 17.94 -33.90
N LYS E 155 -22.79 16.80 -33.94
CA LYS E 155 -23.40 15.56 -34.42
C LYS E 155 -24.54 15.11 -33.51
N HIS E 156 -24.28 15.10 -32.20
CA HIS E 156 -25.25 14.53 -31.25
C HIS E 156 -26.26 15.55 -30.76
N THR E 157 -25.89 16.82 -30.65
CA THR E 157 -26.86 17.86 -30.31
C THR E 157 -27.66 18.33 -31.52
N LYS E 158 -27.26 17.90 -32.73
CA LYS E 158 -27.92 18.31 -33.98
C LYS E 158 -27.95 19.83 -34.11
N GLN E 159 -26.93 20.50 -33.59
CA GLN E 159 -26.74 21.94 -33.73
C GLN E 159 -25.75 22.22 -34.84
N SER E 160 -25.70 23.49 -35.25
CA SER E 160 -24.77 23.89 -36.30
C SER E 160 -23.35 23.99 -35.74
N LEU E 161 -22.38 23.98 -36.66
CA LEU E 161 -20.98 24.08 -36.25
C LEU E 161 -20.69 25.42 -35.59
N GLN E 162 -21.29 26.50 -36.10
CA GLN E 162 -21.05 27.82 -35.53
C GLN E 162 -21.73 27.96 -34.17
N VAL E 163 -22.94 27.42 -34.01
CA VAL E 163 -23.63 27.49 -32.73
C VAL E 163 -22.86 26.73 -31.66
N ILE E 164 -22.24 25.61 -32.03
CA ILE E 164 -21.47 24.83 -31.08
C ILE E 164 -20.19 25.57 -30.69
N GLU E 165 -19.46 26.08 -31.68
CA GLU E 165 -18.20 26.75 -31.38
C GLU E 165 -18.41 28.10 -30.70
N SER E 166 -19.60 28.68 -30.82
CA SER E 166 -19.91 29.89 -30.05
C SER E 166 -20.24 29.55 -28.61
N ALA E 167 -21.11 28.56 -28.41
CA ALA E 167 -21.58 28.21 -27.07
C ALA E 167 -20.48 27.63 -26.18
N MET E 168 -19.45 27.02 -26.76
CA MET E 168 -18.41 26.43 -25.93
C MET E 168 -17.38 27.45 -25.48
N GLU E 169 -17.35 28.63 -26.09
CA GLU E 169 -16.49 29.69 -25.59
C GLU E 169 -17.15 30.44 -24.44
N ARG E 170 -18.35 30.03 -24.04
CA ARG E 170 -19.02 30.55 -22.86
C ARG E 170 -18.50 29.82 -21.62
N ASP E 171 -18.05 30.58 -20.63
CA ASP E 171 -17.57 30.01 -19.37
C ASP E 171 -18.75 29.93 -18.40
N ARG E 172 -19.54 28.87 -18.55
CA ARG E 172 -20.73 28.70 -17.72
C ARG E 172 -21.18 27.25 -17.77
N TYR E 173 -22.01 26.89 -16.80
CA TYR E 173 -22.68 25.60 -16.74
C TYR E 173 -24.16 25.78 -17.08
N MET E 174 -24.79 24.70 -17.54
CA MET E 174 -26.22 24.72 -17.84
C MET E 174 -26.97 23.81 -16.88
N SER E 175 -28.25 24.12 -16.70
CA SER E 175 -29.15 23.25 -15.96
C SER E 175 -29.49 22.03 -16.81
N PRO E 176 -30.05 20.98 -16.22
CA PRO E 176 -30.46 19.82 -17.03
C PRO E 176 -31.48 20.16 -18.12
N MET E 177 -32.34 21.16 -17.89
CA MET E 177 -33.32 21.52 -18.90
C MET E 177 -32.69 22.32 -20.04
N GLU E 178 -31.77 23.23 -19.72
CA GLU E 178 -31.05 23.96 -20.76
C GLU E 178 -30.31 23.01 -21.69
N ALA E 179 -29.62 22.02 -21.11
CA ALA E 179 -28.91 21.04 -21.93
C ALA E 179 -29.87 20.18 -22.74
N GLN E 180 -31.09 19.95 -22.23
CA GLN E 180 -32.08 19.21 -22.99
C GLN E 180 -32.55 20.01 -24.21
N GLU E 181 -32.81 21.30 -24.02
CA GLU E 181 -33.22 22.15 -25.14
C GLU E 181 -32.07 22.34 -26.13
N PHE E 182 -30.83 22.30 -25.64
CA PHE E 182 -29.68 22.45 -26.54
C PHE E 182 -29.40 21.18 -27.33
N GLY E 183 -29.73 20.02 -26.78
CA GLY E 183 -29.55 18.77 -27.47
C GLY E 183 -28.57 17.82 -26.82
N ILE E 184 -28.09 18.15 -25.63
CA ILE E 184 -27.11 17.31 -24.95
C ILE E 184 -27.77 16.08 -24.34
N LEU E 185 -28.98 16.22 -23.81
CA LEU E 185 -29.70 15.10 -23.24
C LEU E 185 -31.16 15.18 -23.66
N ASP E 186 -31.90 14.10 -23.37
CA ASP E 186 -33.28 13.94 -23.82
C ASP E 186 -34.31 14.02 -22.70
N LYS E 187 -34.07 13.35 -21.58
CA LYS E 187 -35.04 13.26 -20.49
C LYS E 187 -34.43 13.78 -19.20
N VAL E 188 -35.25 14.49 -18.42
CA VAL E 188 -34.89 14.94 -17.08
C VAL E 188 -35.89 14.32 -16.12
N LEU E 189 -35.45 13.34 -15.34
CA LEU E 189 -36.34 12.59 -14.47
C LEU E 189 -36.04 12.88 -13.00
N VAL E 190 -37.09 12.79 -12.18
CA VAL E 190 -36.96 12.89 -10.73
C VAL E 190 -37.16 11.54 -10.06
N HIS E 191 -38.12 10.76 -10.53
CA HIS E 191 -38.50 9.48 -9.97
C HIS E 191 -38.54 8.43 -11.08
N PRO E 192 -38.43 7.16 -10.74
CA PRO E 192 -38.41 6.11 -11.77
C PRO E 192 -39.67 6.14 -12.62
N PRO E 193 -39.52 6.13 -13.96
CA PRO E 193 -40.64 6.15 -14.90
C PRO E 193 -41.51 4.90 -14.80
N LEU F 2 -10.06 0.32 -8.37
CA LEU F 2 -11.38 -0.28 -8.25
C LEU F 2 -11.68 -1.14 -9.48
N ILE F 3 -10.98 -2.26 -9.59
CA ILE F 3 -11.08 -3.12 -10.77
C ILE F 3 -12.14 -4.18 -10.56
N PRO F 4 -13.08 -4.34 -11.51
CA PRO F 4 -14.22 -5.22 -11.29
C PRO F 4 -13.86 -6.69 -11.45
N ILE F 5 -14.84 -7.53 -11.14
CA ILE F 5 -14.74 -8.99 -11.26
C ILE F 5 -15.87 -9.48 -12.15
N VAL F 6 -15.55 -10.33 -13.11
CA VAL F 6 -16.53 -10.87 -14.05
C VAL F 6 -16.64 -12.37 -13.84
N VAL F 7 -17.74 -12.93 -14.33
CA VAL F 7 -18.01 -14.36 -14.22
C VAL F 7 -18.28 -14.97 -15.58
N ARG F 15 -16.30 -19.91 -11.74
CA ARG F 15 -14.97 -19.35 -12.00
C ARG F 15 -15.08 -17.88 -12.38
N ALA F 16 -14.32 -17.04 -11.67
CA ALA F 16 -14.45 -15.59 -11.79
C ALA F 16 -13.08 -14.96 -11.93
N TYR F 17 -12.93 -14.09 -12.94
CA TYR F 17 -11.71 -13.33 -13.17
C TYR F 17 -11.94 -11.85 -12.93
N ASP F 18 -10.85 -11.10 -12.91
CA ASP F 18 -10.93 -9.66 -13.04
C ASP F 18 -10.95 -9.28 -14.52
N ILE F 19 -11.46 -8.09 -14.82
CA ILE F 19 -11.69 -7.70 -16.21
C ILE F 19 -10.39 -7.69 -17.01
N TYR F 20 -9.25 -7.47 -16.36
CA TYR F 20 -7.98 -7.49 -17.07
C TYR F 20 -7.49 -8.90 -17.32
N SER F 21 -7.76 -9.82 -16.40
CA SER F 21 -7.47 -11.23 -16.66
C SER F 21 -8.40 -11.81 -17.71
N ARG F 22 -9.63 -11.28 -17.79
CA ARG F 22 -10.57 -11.72 -18.81
C ARG F 22 -10.17 -11.23 -20.20
N LEU F 23 -9.58 -10.04 -20.28
CA LEU F 23 -9.10 -9.53 -21.57
C LEU F 23 -8.06 -10.47 -22.17
N LEU F 24 -7.21 -11.05 -21.34
CA LEU F 24 -6.20 -11.99 -21.83
C LEU F 24 -6.81 -13.30 -22.33
N ARG F 25 -8.01 -13.65 -21.85
CA ARG F 25 -8.65 -14.87 -22.33
C ARG F 25 -9.19 -14.69 -23.74
N GLU F 26 -9.58 -13.46 -24.12
CA GLU F 26 -9.96 -13.14 -25.47
C GLU F 26 -8.76 -12.88 -26.37
N ARG F 27 -7.55 -13.21 -25.90
CA ARG F 27 -6.31 -13.01 -26.65
C ARG F 27 -6.06 -11.52 -26.93
N ILE F 28 -6.27 -10.69 -25.91
CA ILE F 28 -6.05 -9.25 -26.01
C ILE F 28 -4.93 -8.87 -25.05
N VAL F 29 -3.82 -8.38 -25.61
CA VAL F 29 -2.72 -7.83 -24.82
C VAL F 29 -2.89 -6.32 -24.77
N CYS F 30 -2.86 -5.76 -23.55
CA CYS F 30 -3.21 -4.36 -23.33
C CYS F 30 -1.93 -3.54 -23.14
N VAL F 31 -1.78 -2.49 -23.95
CA VAL F 31 -0.66 -1.57 -23.84
C VAL F 31 -1.20 -0.16 -23.68
N MET F 32 -1.51 0.21 -22.44
CA MET F 32 -2.05 1.53 -22.12
C MET F 32 -1.03 2.34 -21.32
N GLY F 33 -0.74 3.54 -21.79
CA GLY F 33 0.08 4.47 -21.04
C GLY F 33 1.53 4.47 -21.48
N PRO F 34 2.37 5.16 -20.71
CA PRO F 34 3.80 5.21 -21.04
C PRO F 34 4.45 3.85 -20.92
N ILE F 35 5.47 3.63 -21.74
CA ILE F 35 6.15 2.35 -21.86
C ILE F 35 7.46 2.40 -21.09
N ASP F 36 7.68 1.41 -20.22
CA ASP F 36 8.92 1.28 -19.48
C ASP F 36 9.32 -0.20 -19.50
N ASP F 37 10.38 -0.52 -18.76
CA ASP F 37 10.83 -1.92 -18.69
C ASP F 37 9.79 -2.81 -18.02
N SER F 38 9.00 -2.24 -17.10
CA SER F 38 7.96 -3.02 -16.43
C SER F 38 6.82 -3.34 -17.38
N VAL F 39 6.43 -2.38 -18.22
CA VAL F 39 5.38 -2.62 -19.20
C VAL F 39 5.87 -3.60 -20.27
N ALA F 40 7.12 -3.45 -20.69
CA ALA F 40 7.67 -4.35 -21.70
C ALA F 40 7.77 -5.77 -21.17
N SER F 41 8.20 -5.94 -19.92
CA SER F 41 8.28 -7.27 -19.33
C SER F 41 6.92 -7.92 -19.22
N LEU F 42 5.90 -7.14 -18.84
CA LEU F 42 4.55 -7.69 -18.72
C LEU F 42 3.97 -8.02 -20.09
N VAL F 43 4.20 -7.15 -21.07
CA VAL F 43 3.63 -7.36 -22.40
C VAL F 43 4.28 -8.57 -23.08
N ILE F 44 5.61 -8.66 -23.00
CA ILE F 44 6.32 -9.76 -23.67
C ILE F 44 5.88 -11.10 -23.11
N ALA F 45 5.64 -11.16 -21.79
CA ALA F 45 5.19 -12.41 -21.19
C ALA F 45 3.81 -12.81 -21.72
N GLN F 46 2.92 -11.83 -21.90
CA GLN F 46 1.59 -12.13 -22.42
C GLN F 46 1.65 -12.63 -23.85
N LEU F 47 2.57 -12.09 -24.65
CA LEU F 47 2.73 -12.56 -26.03
C LEU F 47 3.30 -13.96 -26.07
N LEU F 48 4.34 -14.23 -25.26
CA LEU F 48 4.94 -15.56 -25.24
C LEU F 48 3.96 -16.60 -24.69
N PHE F 49 3.17 -16.22 -23.69
CA PHE F 49 2.16 -17.13 -23.17
C PHE F 49 1.08 -17.41 -24.21
N LEU F 50 0.65 -16.39 -24.95
CA LEU F 50 -0.43 -16.56 -25.91
C LEU F 50 0.01 -17.41 -27.10
N GLN F 51 1.30 -17.39 -27.44
CA GLN F 51 1.80 -18.30 -28.46
C GLN F 51 1.83 -19.74 -27.95
N SER F 52 2.06 -19.93 -26.65
CA SER F 52 2.08 -21.28 -26.09
C SER F 52 0.71 -21.94 -26.16
N GLU F 53 -0.37 -21.16 -26.11
CA GLU F 53 -1.69 -21.72 -26.27
C GLU F 53 -1.95 -22.13 -27.71
N SER F 54 -1.60 -21.25 -28.66
CA SER F 54 -1.71 -21.55 -30.09
C SER F 54 -0.87 -20.56 -30.90
N ASN F 55 0.00 -21.07 -31.77
CA ASN F 55 0.85 -20.23 -32.60
C ASN F 55 0.19 -19.82 -33.90
N LYS F 56 -1.12 -20.05 -34.04
CA LYS F 56 -1.87 -19.62 -35.21
C LYS F 56 -3.11 -18.79 -34.89
N LYS F 57 -3.65 -18.89 -33.69
CA LYS F 57 -4.78 -18.05 -33.31
C LYS F 57 -4.31 -16.61 -33.17
N PRO F 58 -4.97 -15.66 -33.83
CA PRO F 58 -4.48 -14.27 -33.81
C PRO F 58 -4.50 -13.67 -32.41
N ILE F 59 -3.69 -12.63 -32.23
CA ILE F 59 -3.57 -11.91 -30.97
C ILE F 59 -3.85 -10.44 -31.25
N HIS F 60 -4.71 -9.84 -30.43
CA HIS F 60 -5.06 -8.43 -30.57
C HIS F 60 -4.29 -7.62 -29.55
N MET F 61 -3.71 -6.51 -30.00
CA MET F 61 -2.84 -5.67 -29.17
C MET F 61 -3.43 -4.27 -29.14
N TYR F 62 -4.01 -3.90 -27.99
CA TYR F 62 -4.65 -2.59 -27.83
C TYR F 62 -3.58 -1.57 -27.43
N ILE F 63 -3.52 -0.47 -28.17
CA ILE F 63 -2.49 0.54 -27.97
C ILE F 63 -3.16 1.89 -27.72
N ASN F 64 -2.98 2.42 -26.52
CA ASN F 64 -3.31 3.82 -26.17
C ASN F 64 -2.12 4.32 -25.36
N SER F 65 -1.07 4.74 -26.06
CA SER F 65 0.20 5.07 -25.42
C SER F 65 0.78 6.35 -25.96
N PRO F 66 1.42 7.16 -25.11
CA PRO F 66 2.14 8.34 -25.58
C PRO F 66 3.62 8.10 -25.90
N GLY F 67 4.16 6.91 -25.59
CA GLY F 67 5.54 6.59 -25.84
C GLY F 67 6.21 6.07 -24.58
N GLY F 68 7.53 6.20 -24.53
CA GLY F 68 8.27 5.79 -23.35
C GLY F 68 9.70 5.42 -23.73
N VAL F 69 10.28 4.54 -22.89
CA VAL F 69 11.67 4.14 -23.10
C VAL F 69 11.79 3.37 -24.41
N VAL F 70 12.80 3.72 -25.20
CA VAL F 70 12.93 3.17 -26.55
C VAL F 70 13.30 1.70 -26.50
N THR F 71 14.31 1.35 -25.70
CA THR F 71 14.73 -0.05 -25.61
C THR F 71 13.62 -0.93 -25.05
N ALA F 72 12.79 -0.39 -24.17
CA ALA F 72 11.63 -1.15 -23.71
C ALA F 72 10.61 -1.34 -24.82
N GLY F 73 10.40 -0.31 -25.64
CA GLY F 73 9.50 -0.44 -26.77
C GLY F 73 10.06 -1.35 -27.84
N LEU F 74 11.38 -1.30 -28.06
CA LEU F 74 12.00 -2.18 -29.04
C LEU F 74 11.93 -3.64 -28.61
N ALA F 75 11.96 -3.89 -27.30
CA ALA F 75 11.85 -5.27 -26.81
C ALA F 75 10.48 -5.86 -27.16
N ILE F 76 9.43 -5.04 -27.07
CA ILE F 76 8.10 -5.50 -27.48
C ILE F 76 8.08 -5.76 -28.98
N TYR F 77 8.65 -4.83 -29.76
CA TYR F 77 8.69 -5.02 -31.20
C TYR F 77 9.45 -6.29 -31.58
N ASP F 78 10.63 -6.49 -30.97
CA ASP F 78 11.42 -7.68 -31.28
C ASP F 78 10.67 -8.95 -30.92
N THR F 79 9.87 -8.91 -29.85
CA THR F 79 9.07 -10.07 -29.48
C THR F 79 7.88 -10.25 -30.42
N MET F 80 7.31 -9.15 -30.92
CA MET F 80 6.23 -9.26 -31.90
C MET F 80 6.70 -9.97 -33.15
N GLN F 81 7.95 -9.73 -33.56
CA GLN F 81 8.48 -10.41 -34.74
C GLN F 81 8.88 -11.85 -34.44
N TYR F 82 9.19 -12.16 -33.19
CA TYR F 82 9.60 -13.52 -32.85
C TYR F 82 8.43 -14.50 -32.94
N ILE F 83 7.34 -14.21 -32.22
CA ILE F 83 6.21 -15.12 -32.20
C ILE F 83 5.62 -15.25 -33.60
N LEU F 84 5.01 -16.40 -33.87
CA LEU F 84 4.52 -16.75 -35.19
C LEU F 84 3.05 -16.39 -35.41
N ASN F 85 2.36 -15.91 -34.37
CA ASN F 85 0.93 -15.64 -34.49
C ASN F 85 0.70 -14.39 -35.34
N PRO F 86 -0.45 -14.32 -36.02
CA PRO F 86 -0.86 -13.05 -36.62
C PRO F 86 -1.18 -12.04 -35.53
N ILE F 87 -0.57 -10.86 -35.62
CA ILE F 87 -0.70 -9.83 -34.60
C ILE F 87 -1.56 -8.71 -35.14
N CYS F 88 -2.65 -8.41 -34.44
CA CYS F 88 -3.56 -7.33 -34.80
CA CYS F 88 -3.55 -7.34 -34.80
C CYS F 88 -3.35 -6.16 -33.85
N THR F 89 -3.11 -4.99 -34.40
CA THR F 89 -2.89 -3.77 -33.62
C THR F 89 -4.11 -2.87 -33.72
N TRP F 90 -4.50 -2.29 -32.58
CA TRP F 90 -5.65 -1.40 -32.50
C TRP F 90 -5.23 -0.11 -31.80
N CYS F 91 -5.37 1.01 -32.51
CA CYS F 91 -5.04 2.32 -31.96
C CYS F 91 -6.31 2.96 -31.42
N VAL F 92 -6.33 3.25 -30.12
CA VAL F 92 -7.48 3.82 -29.45
C VAL F 92 -7.01 5.07 -28.74
N GLY F 93 -7.65 6.21 -29.03
CA GLY F 93 -7.25 7.46 -28.42
C GLY F 93 -6.03 8.07 -29.05
N GLN F 94 -4.86 7.49 -28.80
CA GLN F 94 -3.61 8.03 -29.35
C GLN F 94 -2.54 6.93 -29.35
N ALA F 95 -1.66 7.02 -30.35
CA ALA F 95 -0.48 6.16 -30.44
C ALA F 95 0.67 7.04 -30.91
N ALA F 96 1.52 7.47 -29.98
CA ALA F 96 2.58 8.42 -30.26
C ALA F 96 3.94 7.85 -29.92
N SER F 97 4.94 8.24 -30.71
CA SER F 97 6.35 7.87 -30.51
C SER F 97 6.45 6.34 -30.61
N MET F 98 6.94 5.64 -29.58
CA MET F 98 7.07 4.19 -29.65
C MET F 98 5.71 3.52 -29.81
N GLY F 99 4.63 4.18 -29.35
CA GLY F 99 3.32 3.60 -29.48
C GLY F 99 2.90 3.41 -30.93
N SER F 100 3.23 4.38 -31.78
CA SER F 100 2.91 4.27 -33.19
C SER F 100 3.82 3.28 -33.91
N LEU F 101 5.01 3.00 -33.37
CA LEU F 101 5.87 2.00 -33.96
C LEU F 101 5.32 0.59 -33.73
N LEU F 102 4.80 0.34 -32.53
CA LEU F 102 4.14 -0.94 -32.27
C LEU F 102 2.85 -1.06 -33.08
N LEU F 103 2.13 0.05 -33.23
CA LEU F 103 0.92 0.06 -34.04
C LEU F 103 1.24 -0.32 -35.49
N ALA F 104 2.33 0.21 -36.04
CA ALA F 104 2.72 -0.09 -37.41
C ALA F 104 3.34 -1.46 -37.58
N ALA F 105 3.67 -2.15 -36.48
CA ALA F 105 4.33 -3.44 -36.55
C ALA F 105 3.35 -4.62 -36.57
N GLY F 106 2.05 -4.35 -36.71
CA GLY F 106 1.09 -5.43 -36.79
C GLY F 106 1.19 -6.21 -38.08
N THR F 107 0.45 -7.31 -38.13
CA THR F 107 0.41 -8.13 -39.33
C THR F 107 -0.17 -7.32 -40.48
N PRO F 108 0.45 -7.34 -41.66
CA PRO F 108 -0.05 -6.53 -42.78
C PRO F 108 -1.51 -6.81 -43.09
N GLY F 109 -2.30 -5.74 -43.18
CA GLY F 109 -3.72 -5.85 -43.39
C GLY F 109 -4.55 -5.99 -42.12
N MET F 110 -3.92 -5.95 -40.95
CA MET F 110 -4.63 -6.10 -39.68
C MET F 110 -4.28 -5.00 -38.69
N ARG F 111 -3.80 -3.85 -39.17
CA ARG F 111 -3.48 -2.71 -38.31
C ARG F 111 -4.62 -1.71 -38.40
N HIS F 112 -5.39 -1.58 -37.32
CA HIS F 112 -6.59 -0.76 -37.30
C HIS F 112 -6.41 0.45 -36.38
N SER F 113 -7.36 1.38 -36.51
CA SER F 113 -7.44 2.55 -35.64
C SER F 113 -8.88 3.00 -35.57
N LEU F 114 -9.28 3.49 -34.41
CA LEU F 114 -10.62 4.02 -34.22
C LEU F 114 -10.72 5.41 -34.85
N PRO F 115 -11.93 5.85 -35.22
CA PRO F 115 -12.05 7.03 -36.11
C PRO F 115 -11.52 8.33 -35.53
N ASN F 116 -11.45 8.48 -34.21
CA ASN F 116 -11.07 9.75 -33.58
C ASN F 116 -9.72 9.67 -32.88
N SER F 117 -8.78 8.91 -33.45
CA SER F 117 -7.48 8.70 -32.84
C SER F 117 -6.44 9.66 -33.42
N ARG F 118 -5.34 9.81 -32.69
CA ARG F 118 -4.21 10.64 -33.07
C ARG F 118 -2.97 9.75 -33.17
N ILE F 119 -2.14 10.00 -34.18
CA ILE F 119 -0.95 9.19 -34.43
C ILE F 119 0.26 10.10 -34.62
N MET F 120 1.32 9.83 -33.86
CA MET F 120 2.56 10.59 -33.93
C MET F 120 3.74 9.64 -34.09
N ILE F 121 4.63 9.96 -35.04
CA ILE F 121 5.88 9.23 -35.20
C ILE F 121 7.09 10.07 -34.84
N HIS F 122 6.95 11.38 -34.73
CA HIS F 122 8.04 12.25 -34.29
C HIS F 122 8.55 11.82 -32.92
N GLN F 123 9.85 12.00 -32.71
CA GLN F 123 10.19 11.54 -31.37
C GLN F 123 10.36 12.72 -30.42
N PRO F 124 9.82 12.62 -29.21
CA PRO F 124 9.97 13.71 -28.24
C PRO F 124 11.43 14.03 -27.96
N SER F 125 11.67 15.27 -27.55
CA SER F 125 13.02 15.74 -27.30
C SER F 125 13.42 15.50 -25.84
N GLY F 130 7.89 10.28 -19.16
CA GLY F 130 8.65 11.29 -19.89
C GLY F 130 10.05 10.84 -20.26
N GLN F 131 10.35 9.57 -20.00
CA GLN F 131 11.66 9.02 -20.27
C GLN F 131 11.76 8.58 -21.73
N ALA F 132 12.99 8.22 -22.12
CA ALA F 132 13.28 7.68 -23.43
C ALA F 132 14.60 6.92 -23.35
N THR F 133 15.40 7.25 -22.35
CA THR F 133 16.62 6.55 -22.03
C THR F 133 16.50 5.96 -20.62
N ASP F 134 17.13 4.80 -20.42
CA ASP F 134 17.18 4.20 -19.10
C ASP F 134 18.24 4.86 -18.24
N ILE F 135 19.50 4.77 -18.67
CA ILE F 135 20.61 5.45 -18.00
C ILE F 135 20.94 6.70 -18.81
N ALA F 136 22.15 7.21 -18.64
CA ALA F 136 22.65 8.32 -19.45
C ALA F 136 23.41 7.77 -20.65
N ILE F 137 23.16 8.34 -21.82
CA ILE F 137 23.71 7.84 -23.08
C ILE F 137 24.38 8.99 -23.84
N GLN F 138 25.28 8.62 -24.75
CA GLN F 138 26.16 9.56 -25.41
C GLN F 138 25.48 10.10 -26.68
N ALA F 139 26.15 11.08 -27.31
CA ALA F 139 25.57 11.76 -28.47
C ALA F 139 25.48 10.84 -29.69
N GLU F 140 26.54 10.07 -29.97
CA GLU F 140 26.50 9.17 -31.11
C GLU F 140 25.48 8.06 -30.92
N GLU F 141 25.14 7.73 -29.68
CA GLU F 141 24.36 6.52 -29.42
C GLU F 141 22.86 6.76 -29.47
N ILE F 142 22.41 7.98 -29.21
CA ILE F 142 21.01 8.30 -29.49
C ILE F 142 20.80 8.35 -30.99
N MET F 143 21.85 8.65 -31.76
CA MET F 143 21.76 8.64 -33.21
C MET F 143 21.59 7.22 -33.74
N LYS F 144 22.29 6.25 -33.13
CA LYS F 144 22.14 4.87 -33.55
C LYS F 144 20.75 4.33 -33.21
N LEU F 145 20.20 4.73 -32.05
CA LEU F 145 18.84 4.35 -31.72
C LEU F 145 17.84 4.99 -32.67
N LYS F 146 18.05 6.26 -33.03
CA LYS F 146 17.17 6.92 -33.97
C LYS F 146 17.24 6.27 -35.35
N LYS F 147 18.43 5.84 -35.75
CA LYS F 147 18.57 5.12 -37.02
C LYS F 147 17.87 3.77 -36.98
N GLN F 148 17.72 3.19 -35.79
CA GLN F 148 16.98 1.93 -35.67
C GLN F 148 15.49 2.14 -35.94
N LEU F 149 14.92 3.22 -35.39
CA LEU F 149 13.53 3.54 -35.69
C LEU F 149 13.36 3.99 -37.14
N TYR F 150 14.40 4.59 -37.71
CA TYR F 150 14.36 5.02 -39.11
C TYR F 150 14.10 3.83 -40.03
N ASN F 151 14.74 2.68 -39.75
CA ASN F 151 14.63 1.52 -40.62
C ASN F 151 13.38 0.70 -40.30
N ILE F 152 13.01 0.62 -39.01
CA ILE F 152 11.82 -0.14 -38.63
C ILE F 152 10.58 0.51 -39.22
N TYR F 153 10.48 1.84 -39.11
CA TYR F 153 9.35 2.56 -39.69
C TYR F 153 9.30 2.36 -41.20
N ALA F 154 10.44 2.53 -41.88
CA ALA F 154 10.47 2.37 -43.33
C ALA F 154 10.10 0.95 -43.75
N LYS F 155 10.45 -0.06 -42.95
CA LYS F 155 10.17 -1.44 -43.34
C LYS F 155 8.69 -1.77 -43.23
N HIS F 156 8.00 -1.21 -42.24
CA HIS F 156 6.61 -1.57 -41.98
C HIS F 156 5.61 -0.66 -42.68
N THR F 157 5.99 0.56 -43.03
CA THR F 157 5.16 1.45 -43.84
C THR F 157 5.54 1.44 -45.31
N LYS F 158 6.57 0.68 -45.69
CA LYS F 158 7.02 0.58 -47.09
C LYS F 158 7.41 1.95 -47.66
N GLN F 159 7.80 2.88 -46.80
CA GLN F 159 8.20 4.22 -47.22
C GLN F 159 9.72 4.30 -47.34
N SER F 160 10.17 5.26 -48.13
CA SER F 160 11.60 5.48 -48.30
C SER F 160 12.21 6.02 -47.01
N LEU F 161 13.53 5.82 -46.87
CA LEU F 161 14.23 6.31 -45.69
C LEU F 161 14.17 7.83 -45.61
N GLN F 162 14.25 8.50 -46.75
CA GLN F 162 14.22 9.96 -46.75
C GLN F 162 12.85 10.49 -46.36
N VAL F 163 11.78 9.85 -46.84
CA VAL F 163 10.43 10.26 -46.47
C VAL F 163 10.20 10.03 -44.98
N ILE F 164 10.77 8.95 -44.44
CA ILE F 164 10.62 8.65 -43.03
C ILE F 164 11.36 9.66 -42.17
N GLU F 165 12.62 9.94 -42.51
CA GLU F 165 13.41 10.92 -41.75
C GLU F 165 12.78 12.30 -41.83
N SER F 166 12.21 12.65 -42.99
CA SER F 166 11.57 13.96 -43.14
C SER F 166 10.31 14.05 -42.28
N ALA F 167 9.46 13.04 -42.36
CA ALA F 167 8.19 13.08 -41.63
C ALA F 167 8.40 13.08 -40.13
N MET F 168 9.48 12.44 -39.65
CA MET F 168 9.75 12.38 -38.22
C MET F 168 10.41 13.64 -37.67
N GLU F 169 10.76 14.60 -38.53
CA GLU F 169 11.27 15.88 -38.08
C GLU F 169 10.16 16.91 -37.85
N ARG F 170 8.92 16.56 -38.13
CA ARG F 170 7.79 17.46 -37.98
C ARG F 170 6.99 17.09 -36.73
N ASP F 171 6.86 18.05 -35.81
CA ASP F 171 6.14 17.85 -34.56
C ASP F 171 4.64 18.02 -34.85
N ARG F 172 3.98 16.93 -35.18
CA ARG F 172 2.57 16.97 -35.53
C ARG F 172 1.97 15.58 -35.38
N TYR F 173 0.64 15.54 -35.27
CA TYR F 173 -0.12 14.30 -35.25
C TYR F 173 -0.86 14.11 -36.56
N MET F 174 -1.13 12.87 -36.91
CA MET F 174 -1.90 12.54 -38.10
C MET F 174 -3.24 11.92 -37.72
N SER F 175 -4.24 12.16 -38.57
CA SER F 175 -5.50 11.46 -38.45
C SER F 175 -5.31 10.02 -38.90
N PRO F 176 -6.23 9.12 -38.52
CA PRO F 176 -6.12 7.73 -38.99
C PRO F 176 -6.09 7.59 -40.50
N MET F 177 -6.70 8.52 -41.23
CA MET F 177 -6.63 8.48 -42.69
C MET F 177 -5.27 8.92 -43.19
N GLU F 178 -4.69 9.96 -42.59
CA GLU F 178 -3.31 10.33 -42.91
C GLU F 178 -2.35 9.18 -42.60
N ALA F 179 -2.52 8.57 -41.43
CA ALA F 179 -1.67 7.45 -41.06
C ALA F 179 -1.92 6.22 -41.94
N GLN F 180 -3.14 6.10 -42.49
CA GLN F 180 -3.42 4.98 -43.39
C GLN F 180 -2.67 5.13 -44.71
N GLU F 181 -2.73 6.33 -45.31
CA GLU F 181 -2.01 6.55 -46.55
C GLU F 181 -0.50 6.51 -46.36
N PHE F 182 -0.02 6.87 -45.17
CA PHE F 182 1.42 6.84 -44.92
C PHE F 182 1.94 5.41 -44.73
N GLY F 183 1.13 4.53 -44.12
CA GLY F 183 1.51 3.15 -44.01
C GLY F 183 1.59 2.61 -42.59
N ILE F 184 1.09 3.37 -41.62
CA ILE F 184 1.12 2.89 -40.23
C ILE F 184 -0.02 1.90 -39.98
N LEU F 185 -1.20 2.18 -40.52
CA LEU F 185 -2.36 1.32 -40.32
C LEU F 185 -3.03 1.04 -41.65
N ASP F 186 -3.87 0.00 -41.67
CA ASP F 186 -4.56 -0.45 -42.88
C ASP F 186 -6.02 -0.08 -42.93
N LYS F 187 -6.77 -0.24 -41.84
CA LYS F 187 -8.20 0.02 -41.83
C LYS F 187 -8.56 1.00 -40.74
N VAL F 188 -9.52 1.88 -41.05
CA VAL F 188 -10.12 2.79 -40.07
C VAL F 188 -11.59 2.43 -39.99
N LEU F 189 -12.01 1.84 -38.88
CA LEU F 189 -13.36 1.34 -38.71
C LEU F 189 -14.10 2.12 -37.64
N VAL F 190 -15.38 2.38 -37.90
CA VAL F 190 -16.31 2.79 -36.85
C VAL F 190 -17.08 1.58 -36.31
N HIS F 191 -17.20 0.50 -37.10
CA HIS F 191 -18.03 -0.64 -36.78
C HIS F 191 -17.46 -1.86 -37.49
N PRO F 192 -17.62 -3.07 -36.92
CA PRO F 192 -17.09 -4.29 -37.54
C PRO F 192 -17.67 -4.56 -38.93
N LEU G 2 -0.52 -4.11 -12.40
CA LEU G 2 -1.46 -5.17 -12.06
C LEU G 2 -1.17 -6.44 -12.85
N ILE G 3 -0.82 -7.49 -12.14
CA ILE G 3 -0.34 -8.73 -12.74
C ILE G 3 -1.55 -9.61 -13.06
N PRO G 4 -1.76 -9.99 -14.31
CA PRO G 4 -2.93 -10.81 -14.66
C PRO G 4 -2.76 -12.26 -14.22
N ILE G 5 -3.86 -13.01 -14.34
CA ILE G 5 -3.94 -14.40 -13.91
C ILE G 5 -4.26 -15.26 -15.12
N VAL G 6 -3.54 -16.40 -15.24
CA VAL G 6 -3.76 -17.34 -16.32
C VAL G 6 -4.17 -18.69 -15.75
N VAL G 7 -4.79 -19.51 -16.60
CA VAL G 7 -5.25 -20.84 -16.24
C VAL G 7 -4.71 -21.82 -17.26
N GLU G 8 -3.97 -22.83 -16.79
CA GLU G 8 -3.42 -23.85 -17.67
C GLU G 8 -3.53 -25.23 -17.02
N GLU G 14 -6.47 -28.21 -12.33
CA GLU G 14 -6.67 -26.82 -12.72
C GLU G 14 -6.15 -25.87 -11.65
N ARG G 15 -5.22 -25.00 -12.04
CA ARG G 15 -4.62 -24.05 -11.11
C ARG G 15 -4.68 -22.65 -11.70
N ALA G 16 -4.57 -21.66 -10.82
CA ALA G 16 -4.60 -20.25 -11.19
C ALA G 16 -3.28 -19.61 -10.76
N TYR G 17 -2.42 -19.30 -11.71
CA TYR G 17 -1.15 -18.65 -11.45
C TYR G 17 -1.20 -17.21 -11.93
N ASP G 18 -0.31 -16.39 -11.37
CA ASP G 18 0.02 -15.13 -12.01
C ASP G 18 1.08 -15.38 -13.08
N ILE G 19 1.07 -14.53 -14.12
CA ILE G 19 1.85 -14.81 -15.32
C ILE G 19 3.33 -14.99 -14.99
N TYR G 20 3.82 -14.36 -13.92
CA TYR G 20 5.22 -14.52 -13.55
C TYR G 20 5.47 -15.83 -12.81
N SER G 21 4.50 -16.30 -12.04
CA SER G 21 4.57 -17.65 -11.51
C SER G 21 4.45 -18.69 -12.63
N ARG G 22 3.82 -18.32 -13.74
CA ARG G 22 3.75 -19.20 -14.91
C ARG G 22 5.04 -19.17 -15.70
N LEU G 23 5.76 -18.04 -15.69
CA LEU G 23 7.06 -17.99 -16.35
C LEU G 23 8.07 -18.88 -15.66
N LEU G 24 8.04 -18.93 -14.32
CA LEU G 24 8.91 -19.84 -13.59
C LEU G 24 8.56 -21.29 -13.88
N ARG G 25 7.30 -21.56 -14.23
CA ARG G 25 6.92 -22.91 -14.62
C ARG G 25 7.61 -23.34 -15.91
N GLU G 26 7.89 -22.41 -16.81
CA GLU G 26 8.58 -22.68 -18.06
C GLU G 26 10.09 -22.74 -17.88
N ARG G 27 10.59 -22.75 -16.64
CA ARG G 27 12.02 -22.65 -16.36
C ARG G 27 12.59 -21.36 -16.94
N ILE G 28 11.86 -20.27 -16.77
CA ILE G 28 12.25 -18.95 -17.26
C ILE G 28 12.43 -18.03 -16.06
N VAL G 29 13.62 -17.47 -15.92
CA VAL G 29 13.94 -16.53 -14.84
C VAL G 29 14.13 -15.16 -15.46
N CYS G 30 13.36 -14.19 -14.98
CA CYS G 30 13.37 -12.83 -15.53
C CYS G 30 14.36 -11.96 -14.78
N VAL G 31 15.19 -11.23 -15.53
CA VAL G 31 16.09 -10.24 -14.95
C VAL G 31 15.81 -8.91 -15.63
N MET G 32 14.79 -8.20 -15.16
CA MET G 32 14.36 -6.94 -15.73
C MET G 32 14.63 -5.81 -14.74
N GLY G 33 15.25 -4.74 -15.23
CA GLY G 33 15.42 -3.53 -14.44
C GLY G 33 16.74 -3.46 -13.71
N PRO G 34 16.84 -2.54 -12.76
CA PRO G 34 18.09 -2.38 -12.01
C PRO G 34 18.36 -3.57 -11.10
N ILE G 35 19.64 -3.87 -10.92
CA ILE G 35 20.07 -5.04 -10.17
C ILE G 35 20.53 -4.56 -8.79
N ASP G 36 19.78 -4.94 -7.75
CA ASP G 36 20.16 -4.66 -6.38
C ASP G 36 20.13 -5.95 -5.57
N ASP G 37 20.22 -5.84 -4.24
CA ASP G 37 20.19 -7.03 -3.40
C ASP G 37 18.82 -7.69 -3.40
N SER G 38 17.76 -6.91 -3.63
CA SER G 38 16.42 -7.49 -3.71
C SER G 38 16.29 -8.36 -4.96
N VAL G 39 16.83 -7.91 -6.08
CA VAL G 39 16.79 -8.71 -7.30
C VAL G 39 17.68 -9.95 -7.16
N ALA G 40 18.86 -9.77 -6.56
CA ALA G 40 19.77 -10.91 -6.40
C ALA G 40 19.16 -11.98 -5.50
N SER G 41 18.45 -11.57 -4.45
CA SER G 41 17.77 -12.55 -3.60
C SER G 41 16.68 -13.27 -4.36
N LEU G 42 15.94 -12.56 -5.21
CA LEU G 42 14.86 -13.18 -5.97
C LEU G 42 15.40 -14.08 -7.07
N VAL G 43 16.42 -13.62 -7.79
CA VAL G 43 16.95 -14.40 -8.91
C VAL G 43 17.65 -15.66 -8.42
N ILE G 44 18.43 -15.56 -7.35
CA ILE G 44 19.15 -16.71 -6.83
C ILE G 44 18.18 -17.78 -6.34
N ALA G 45 17.07 -17.35 -5.71
CA ALA G 45 16.11 -18.31 -5.18
C ALA G 45 15.48 -19.14 -6.30
N GLN G 46 15.14 -18.50 -7.42
CA GLN G 46 14.55 -19.24 -8.54
C GLN G 46 15.57 -20.16 -9.18
N LEU G 47 16.82 -19.70 -9.32
CA LEU G 47 17.86 -20.55 -9.88
C LEU G 47 18.08 -21.79 -9.02
N LEU G 48 18.01 -21.63 -7.69
CA LEU G 48 18.18 -22.77 -6.81
C LEU G 48 16.95 -23.68 -6.83
N PHE G 49 15.76 -23.09 -6.96
CA PHE G 49 14.55 -23.90 -7.02
C PHE G 49 14.49 -24.69 -8.33
N LEU G 50 14.80 -24.03 -9.45
CA LEU G 50 14.72 -24.69 -10.74
C LEU G 50 15.74 -25.82 -10.84
N GLN G 51 16.82 -25.76 -10.07
CA GLN G 51 17.75 -26.88 -10.01
C GLN G 51 17.15 -28.05 -9.24
N SER G 52 16.40 -27.77 -8.17
CA SER G 52 15.83 -28.84 -7.36
C SER G 52 14.82 -29.67 -8.14
N GLU G 53 14.07 -29.04 -9.05
CA GLU G 53 13.11 -29.78 -9.85
C GLU G 53 13.82 -30.75 -10.79
N SER G 54 14.92 -30.31 -11.41
CA SER G 54 15.75 -31.16 -12.25
C SER G 54 17.06 -30.44 -12.56
N ASN G 55 18.18 -31.02 -12.15
CA ASN G 55 19.49 -30.39 -12.29
C ASN G 55 20.10 -30.54 -13.67
N LYS G 56 19.35 -31.06 -14.65
CA LYS G 56 19.86 -31.23 -16.00
C LYS G 56 19.05 -30.51 -17.07
N LYS G 57 17.78 -30.19 -16.81
CA LYS G 57 17.00 -29.44 -17.78
C LYS G 57 17.53 -28.00 -17.87
N PRO G 58 17.62 -27.46 -19.08
CA PRO G 58 18.12 -26.09 -19.23
C PRO G 58 17.22 -25.07 -18.53
N ILE G 59 17.82 -23.94 -18.16
CA ILE G 59 17.12 -22.82 -17.56
C ILE G 59 17.34 -21.60 -18.45
N HIS G 60 16.27 -20.85 -18.70
CA HIS G 60 16.32 -19.67 -19.55
C HIS G 60 16.28 -18.41 -18.70
N MET G 61 17.21 -17.49 -18.97
CA MET G 61 17.29 -16.21 -18.27
C MET G 61 17.04 -15.09 -19.27
N TYR G 62 15.99 -14.31 -19.05
CA TYR G 62 15.69 -13.15 -19.87
C TYR G 62 16.30 -11.91 -19.22
N ILE G 63 17.09 -11.17 -19.99
CA ILE G 63 17.86 -10.05 -19.47
C ILE G 63 17.44 -8.78 -20.22
N ASN G 64 16.84 -7.83 -19.48
CA ASN G 64 16.61 -6.46 -19.96
C ASN G 64 16.94 -5.55 -18.78
N SER G 65 18.23 -5.33 -18.55
CA SER G 65 18.69 -4.61 -17.37
C SER G 65 19.72 -3.55 -17.75
N PRO G 66 19.71 -2.40 -17.09
CA PRO G 66 20.75 -1.38 -17.29
C PRO G 66 21.98 -1.55 -16.41
N GLY G 67 22.00 -2.56 -15.53
CA GLY G 67 23.11 -2.80 -14.64
C GLY G 67 22.68 -2.68 -13.17
N GLY G 68 23.58 -2.13 -12.36
CA GLY G 68 23.26 -1.87 -10.96
C GLY G 68 24.35 -2.25 -10.00
N VAL G 69 23.94 -2.65 -8.79
CA VAL G 69 24.89 -3.00 -7.73
C VAL G 69 25.79 -4.14 -8.19
N VAL G 70 27.10 -3.95 -8.02
CA VAL G 70 28.07 -4.88 -8.57
C VAL G 70 28.08 -6.19 -7.78
N THR G 71 28.11 -6.08 -6.44
CA THR G 71 28.17 -7.29 -5.62
C THR G 71 26.92 -8.14 -5.75
N ALA G 72 25.76 -7.51 -5.99
CA ALA G 72 24.55 -8.29 -6.23
C ALA G 72 24.58 -8.97 -7.58
N GLY G 73 25.07 -8.28 -8.61
CA GLY G 73 25.24 -8.91 -9.90
C GLY G 73 26.30 -9.99 -9.90
N LEU G 74 27.32 -9.84 -9.04
CA LEU G 74 28.32 -10.89 -8.89
C LEU G 74 27.75 -12.09 -8.15
N ALA G 75 26.83 -11.85 -7.20
CA ALA G 75 26.19 -12.94 -6.48
C ALA G 75 25.38 -13.82 -7.42
N ILE G 76 24.63 -13.19 -8.34
CA ILE G 76 23.87 -13.95 -9.33
C ILE G 76 24.81 -14.75 -10.22
N TYR G 77 25.88 -14.10 -10.69
CA TYR G 77 26.83 -14.77 -11.59
C TYR G 77 27.45 -15.99 -10.92
N ASP G 78 27.84 -15.86 -9.64
CA ASP G 78 28.40 -17.00 -8.92
C ASP G 78 27.41 -18.15 -8.84
N THR G 79 26.13 -17.83 -8.57
CA THR G 79 25.11 -18.86 -8.54
C THR G 79 24.89 -19.47 -9.93
N MET G 80 25.06 -18.67 -10.98
CA MET G 80 24.96 -19.20 -12.34
C MET G 80 26.03 -20.25 -12.60
N GLN G 81 27.26 -19.99 -12.15
CA GLN G 81 28.33 -20.96 -12.30
C GLN G 81 28.23 -22.11 -11.30
N TYR G 82 27.50 -21.91 -10.20
CA TYR G 82 27.41 -22.94 -9.16
C TYR G 82 26.48 -24.07 -9.58
N ILE G 83 25.27 -23.73 -10.05
CA ILE G 83 24.31 -24.77 -10.39
C ILE G 83 24.78 -25.58 -11.58
N LEU G 84 24.14 -26.73 -11.79
CA LEU G 84 24.56 -27.70 -12.79
C LEU G 84 23.79 -27.61 -14.10
N ASN G 85 22.68 -26.88 -14.14
CA ASN G 85 21.89 -26.84 -15.36
C ASN G 85 22.57 -25.96 -16.41
N PRO G 86 22.47 -26.34 -17.69
CA PRO G 86 22.84 -25.39 -18.75
C PRO G 86 21.89 -24.19 -18.72
N ILE G 87 22.47 -23.00 -18.86
CA ILE G 87 21.72 -21.75 -18.75
C ILE G 87 21.74 -21.06 -20.10
N CYS G 88 20.55 -20.82 -20.66
CA CYS G 88 20.41 -19.99 -21.85
C CYS G 88 20.12 -18.56 -21.42
N THR G 89 20.89 -17.63 -21.95
CA THR G 89 20.66 -16.20 -21.72
C THR G 89 19.98 -15.60 -22.94
N TRP G 90 19.07 -14.66 -22.70
CA TRP G 90 18.32 -14.01 -23.75
C TRP G 90 18.28 -12.52 -23.48
N CYS G 91 18.68 -11.73 -24.47
CA CYS G 91 18.77 -10.28 -24.34
C CYS G 91 17.69 -9.63 -25.19
N VAL G 92 16.74 -8.96 -24.53
CA VAL G 92 15.77 -8.10 -25.19
C VAL G 92 15.95 -6.69 -24.66
N GLY G 93 15.75 -5.70 -25.53
CA GLY G 93 15.94 -4.32 -25.13
C GLY G 93 17.39 -3.94 -24.96
N GLN G 94 17.97 -4.26 -23.80
CA GLN G 94 19.35 -3.88 -23.53
C GLN G 94 19.91 -4.72 -22.40
N ALA G 95 21.23 -4.72 -22.29
CA ALA G 95 21.96 -5.35 -21.18
C ALA G 95 23.26 -4.58 -21.00
N ALA G 96 23.25 -3.62 -20.09
CA ALA G 96 24.37 -2.71 -19.88
C ALA G 96 25.03 -2.97 -18.54
N SER G 97 26.36 -2.77 -18.51
CA SER G 97 27.18 -2.91 -17.30
C SER G 97 27.03 -4.33 -16.77
N MET G 98 26.55 -4.55 -15.55
CA MET G 98 26.42 -5.90 -15.01
C MET G 98 25.46 -6.76 -15.83
N GLY G 99 24.53 -6.14 -16.55
CA GLY G 99 23.57 -6.90 -17.32
C GLY G 99 24.20 -7.71 -18.43
N SER G 100 25.17 -7.12 -19.14
CA SER G 100 25.89 -7.86 -20.17
C SER G 100 26.81 -8.92 -19.60
N LEU G 101 27.26 -8.76 -18.36
CA LEU G 101 28.09 -9.78 -17.73
C LEU G 101 27.30 -11.07 -17.52
N LEU G 102 26.09 -10.95 -16.98
CA LEU G 102 25.23 -12.12 -16.84
C LEU G 102 24.86 -12.69 -18.21
N LEU G 103 24.66 -11.82 -19.20
CA LEU G 103 24.37 -12.28 -20.55
C LEU G 103 25.51 -13.11 -21.11
N ALA G 104 26.74 -12.63 -20.98
CA ALA G 104 27.91 -13.36 -21.46
C ALA G 104 28.25 -14.56 -20.60
N ALA G 105 27.63 -14.69 -19.43
CA ALA G 105 27.92 -15.78 -18.50
C ALA G 105 27.10 -17.03 -18.75
N GLY G 106 26.25 -17.04 -19.78
CA GLY G 106 25.45 -18.20 -20.08
C GLY G 106 26.28 -19.38 -20.55
N THR G 107 25.62 -20.52 -20.70
CA THR G 107 26.29 -21.72 -21.17
C THR G 107 26.78 -21.49 -22.60
N PRO G 108 28.06 -21.77 -22.89
CA PRO G 108 28.59 -21.53 -24.22
C PRO G 108 27.77 -22.20 -25.31
N GLY G 109 27.37 -21.42 -26.30
CA GLY G 109 26.54 -21.89 -27.39
C GLY G 109 25.07 -21.56 -27.25
N MET G 110 24.63 -21.06 -26.08
CA MET G 110 23.23 -20.72 -25.88
C MET G 110 23.06 -19.32 -25.29
N ARG G 111 23.93 -18.39 -25.67
CA ARG G 111 23.77 -16.98 -25.30
C ARG G 111 23.20 -16.24 -26.49
N HIS G 112 21.94 -15.86 -26.41
CA HIS G 112 21.22 -15.27 -27.51
C HIS G 112 20.89 -13.80 -27.24
N SER G 113 20.48 -13.12 -28.31
CA SER G 113 19.93 -11.77 -28.23
C SER G 113 19.02 -11.56 -29.42
N LEU G 114 18.05 -10.68 -29.25
CA LEU G 114 17.12 -10.32 -30.31
C LEU G 114 17.69 -9.15 -31.12
N PRO G 115 17.23 -8.96 -32.35
CA PRO G 115 18.02 -8.14 -33.30
C PRO G 115 18.21 -6.69 -32.89
N ASN G 116 17.29 -6.10 -32.13
CA ASN G 116 17.33 -4.68 -31.83
C ASN G 116 17.77 -4.38 -30.39
N SER G 117 18.56 -5.27 -29.79
CA SER G 117 19.03 -5.07 -28.43
C SER G 117 20.36 -4.30 -28.44
N ARG G 118 20.66 -3.67 -27.31
CA ARG G 118 21.89 -2.91 -27.13
C ARG G 118 22.67 -3.48 -25.96
N ILE G 119 23.95 -3.74 -26.17
CA ILE G 119 24.80 -4.40 -25.18
C ILE G 119 25.94 -3.46 -24.83
N MET G 120 26.06 -3.13 -23.54
CA MET G 120 27.13 -2.27 -23.04
C MET G 120 27.92 -3.03 -21.99
N ILE G 121 29.24 -3.00 -22.11
CA ILE G 121 30.14 -3.54 -21.10
C ILE G 121 30.90 -2.47 -20.35
N HIS G 122 30.80 -1.21 -20.78
CA HIS G 122 31.37 -0.10 -20.02
C HIS G 122 30.66 0.03 -18.68
N GLN G 123 31.45 0.02 -17.61
CA GLN G 123 30.87 0.18 -16.28
C GLN G 123 30.42 1.64 -16.09
N PRO G 124 29.31 1.86 -15.40
CA PRO G 124 28.78 3.23 -15.29
C PRO G 124 29.68 4.12 -14.45
N SER G 125 29.32 5.40 -14.41
CA SER G 125 30.05 6.40 -13.64
C SER G 125 31.51 6.51 -14.10
N THR G 133 26.89 2.32 -5.51
CA THR G 133 26.50 0.94 -5.31
C THR G 133 26.98 0.43 -3.95
N ASP G 134 26.07 -0.18 -3.20
CA ASP G 134 26.24 -0.53 -1.78
C ASP G 134 26.69 0.72 -1.04
N ILE G 135 27.40 0.50 0.08
CA ILE G 135 28.06 1.57 0.79
C ILE G 135 29.25 2.06 -0.03
N ALA G 136 29.63 3.31 0.19
CA ALA G 136 30.80 3.86 -0.48
C ALA G 136 32.06 3.21 0.08
N ILE G 137 33.06 3.06 -0.78
CA ILE G 137 34.28 2.33 -0.44
C ILE G 137 35.52 3.13 -0.79
N GLN G 138 36.68 2.51 -0.66
CA GLN G 138 37.96 3.15 -0.92
C GLN G 138 38.40 2.90 -2.36
N ALA G 139 39.43 3.64 -2.79
CA ALA G 139 39.90 3.54 -4.16
C ALA G 139 40.48 2.17 -4.47
N GLU G 140 41.11 1.53 -3.49
CA GLU G 140 41.70 0.21 -3.72
C GLU G 140 40.62 -0.87 -3.83
N GLU G 141 39.46 -0.64 -3.20
CA GLU G 141 38.42 -1.67 -3.24
C GLU G 141 37.62 -1.62 -4.54
N ILE G 142 37.31 -0.41 -5.02
CA ILE G 142 36.63 -0.30 -6.31
C ILE G 142 37.55 -0.78 -7.43
N MET G 143 38.86 -0.54 -7.30
CA MET G 143 39.79 -1.07 -8.28
C MET G 143 39.92 -2.59 -8.16
N LYS G 144 39.82 -3.13 -6.95
CA LYS G 144 39.82 -4.58 -6.78
C LYS G 144 38.58 -5.20 -7.42
N LEU G 145 37.42 -4.55 -7.25
CA LEU G 145 36.18 -5.07 -7.82
C LEU G 145 36.23 -5.03 -9.34
N LYS G 146 36.78 -3.97 -9.91
CA LYS G 146 36.80 -3.84 -11.36
C LYS G 146 37.64 -4.93 -12.01
N LYS G 147 38.68 -5.40 -11.33
CA LYS G 147 39.52 -6.44 -11.90
C LYS G 147 38.82 -7.79 -11.93
N GLN G 148 37.88 -8.02 -11.00
CA GLN G 148 37.04 -9.21 -11.08
C GLN G 148 36.13 -9.14 -12.30
N LEU G 149 35.62 -7.95 -12.61
CA LEU G 149 34.85 -7.77 -13.85
C LEU G 149 35.74 -7.93 -15.07
N TYR G 150 37.03 -7.58 -14.95
CA TYR G 150 37.97 -7.80 -16.04
C TYR G 150 38.18 -9.29 -16.29
N ASN G 151 38.34 -10.07 -15.22
CA ASN G 151 38.62 -11.49 -15.35
C ASN G 151 37.39 -12.26 -15.82
N ILE G 152 36.22 -11.91 -15.29
CA ILE G 152 34.99 -12.63 -15.65
C ILE G 152 34.66 -12.40 -17.11
N TYR G 153 34.75 -11.15 -17.58
CA TYR G 153 34.49 -10.86 -18.99
C TYR G 153 35.47 -11.60 -19.88
N ALA G 154 36.77 -11.55 -19.54
CA ALA G 154 37.77 -12.23 -20.36
C ALA G 154 37.58 -13.75 -20.32
N LYS G 155 37.03 -14.28 -19.23
CA LYS G 155 36.83 -15.72 -19.13
C LYS G 155 35.77 -16.22 -20.10
N HIS G 156 34.67 -15.49 -20.23
CA HIS G 156 33.55 -15.94 -21.04
C HIS G 156 33.60 -15.41 -22.48
N THR G 157 34.27 -14.29 -22.71
CA THR G 157 34.50 -13.82 -24.07
C THR G 157 35.73 -14.46 -24.70
N LYS G 158 36.59 -15.08 -23.89
CA LYS G 158 37.86 -15.67 -24.35
C LYS G 158 38.72 -14.63 -25.07
N GLN G 159 38.68 -13.40 -24.58
CA GLN G 159 39.52 -12.32 -25.08
C GLN G 159 40.69 -12.08 -24.13
N SER G 160 41.65 -11.28 -24.59
CA SER G 160 42.77 -10.91 -23.75
C SER G 160 42.32 -9.91 -22.69
N LEU G 161 43.12 -9.82 -21.62
CA LEU G 161 42.78 -8.95 -20.51
C LEU G 161 42.78 -7.48 -20.94
N GLN G 162 43.89 -7.03 -21.53
CA GLN G 162 43.99 -5.63 -21.94
C GLN G 162 43.04 -5.30 -23.08
N VAL G 163 42.71 -6.30 -23.92
CA VAL G 163 41.68 -6.09 -24.94
C VAL G 163 40.34 -5.79 -24.28
N ILE G 164 40.05 -6.48 -23.18
CA ILE G 164 38.84 -6.19 -22.41
C ILE G 164 38.95 -4.84 -21.73
N GLU G 165 40.09 -4.58 -21.07
CA GLU G 165 40.27 -3.33 -20.35
C GLU G 165 40.15 -2.12 -21.26
N SER G 166 40.59 -2.25 -22.52
CA SER G 166 40.43 -1.16 -23.47
C SER G 166 38.98 -0.98 -23.88
N ALA G 167 38.31 -2.08 -24.24
CA ALA G 167 36.92 -1.99 -24.69
C ALA G 167 35.99 -1.48 -23.61
N MET G 168 36.40 -1.55 -22.33
CA MET G 168 35.55 -1.07 -21.24
C MET G 168 35.71 0.43 -20.97
N GLU G 169 36.76 1.06 -21.48
CA GLU G 169 36.85 2.52 -21.40
C GLU G 169 35.84 3.20 -22.30
N ARG G 170 35.34 2.50 -23.31
CA ARG G 170 34.57 3.12 -24.40
C ARG G 170 33.11 3.26 -23.98
N ASP G 171 32.67 4.52 -23.82
CA ASP G 171 31.28 4.83 -23.52
C ASP G 171 30.44 4.58 -24.79
N ARG G 172 30.06 3.32 -24.97
CA ARG G 172 29.33 2.95 -26.17
C ARG G 172 28.58 1.64 -25.93
N TYR G 173 27.56 1.43 -26.75
CA TYR G 173 26.84 0.16 -26.86
C TYR G 173 27.25 -0.54 -28.14
N MET G 174 27.02 -1.84 -28.19
CA MET G 174 27.24 -2.63 -29.39
C MET G 174 25.92 -3.19 -29.88
N SER G 175 25.80 -3.32 -31.19
CA SER G 175 24.70 -4.10 -31.76
C SER G 175 24.88 -5.56 -31.37
N PRO G 176 23.83 -6.36 -31.45
CA PRO G 176 23.97 -7.79 -31.14
C PRO G 176 25.04 -8.49 -31.98
N MET G 177 25.37 -7.94 -33.15
CA MET G 177 26.35 -8.61 -34.01
C MET G 177 27.77 -8.36 -33.54
N GLU G 178 28.11 -7.12 -33.20
CA GLU G 178 29.44 -6.86 -32.63
C GLU G 178 29.62 -7.63 -31.33
N ALA G 179 28.58 -7.67 -30.50
CA ALA G 179 28.65 -8.45 -29.27
C ALA G 179 28.85 -9.94 -29.56
N GLN G 180 28.43 -10.39 -30.75
CA GLN G 180 28.63 -11.79 -31.12
C GLN G 180 30.07 -12.05 -31.54
N GLU G 181 30.64 -11.18 -32.38
CA GLU G 181 32.05 -11.33 -32.73
C GLU G 181 32.95 -11.13 -31.52
N PHE G 182 32.55 -10.24 -30.60
CA PHE G 182 33.38 -9.96 -29.43
C PHE G 182 33.40 -11.12 -28.45
N GLY G 183 32.40 -11.99 -28.47
CA GLY G 183 32.36 -13.14 -27.60
C GLY G 183 31.34 -13.09 -26.48
N ILE G 184 30.46 -12.09 -26.46
CA ILE G 184 29.43 -12.03 -25.42
C ILE G 184 28.24 -12.89 -25.80
N LEU G 185 27.92 -12.99 -27.08
CA LEU G 185 26.79 -13.76 -27.56
C LEU G 185 27.28 -14.91 -28.45
N ASP G 186 26.37 -15.83 -28.74
CA ASP G 186 26.59 -16.88 -29.71
C ASP G 186 25.63 -16.84 -30.88
N LYS G 187 24.39 -16.39 -30.67
CA LYS G 187 23.37 -16.42 -31.71
C LYS G 187 22.54 -15.14 -31.64
N VAL G 188 22.16 -14.64 -32.81
CA VAL G 188 21.26 -13.49 -32.93
C VAL G 188 20.09 -13.94 -33.80
N LEU G 189 18.92 -14.05 -33.18
CA LEU G 189 17.75 -14.62 -33.85
C LEU G 189 16.70 -13.55 -34.13
N VAL G 190 15.97 -13.75 -35.21
CA VAL G 190 14.77 -12.98 -35.51
C VAL G 190 13.51 -13.79 -35.24
N HIS G 191 13.54 -15.07 -35.59
CA HIS G 191 12.44 -16.01 -35.45
C HIS G 191 12.97 -17.29 -34.84
N PRO G 192 12.09 -18.13 -34.25
CA PRO G 192 12.53 -19.40 -33.66
C PRO G 192 13.26 -20.31 -34.65
#